data_5V0P
#
_entry.id   5V0P
#
_cell.length_a   85.317
_cell.length_b   61.887
_cell.length_c   75.734
_cell.angle_alpha   90.00
_cell.angle_beta   93.18
_cell.angle_gamma   90.00
#
_symmetry.space_group_name_H-M   'P 1 21 1'
#
loop_
_entity.id
_entity.type
_entity.pdbx_description
1 polymer '3-oxoacyl-[acyl-carrier-protein] synthase 3 protein 2'
2 non-polymer 'SODIUM ION'
3 non-polymer 'OCTANOYL-COENZYME A'
4 water water
#
_entity_poly.entity_id   1
_entity_poly.type   'polypeptide(L)'
_entity_poly.pdbx_seq_one_letter_code
;MTQCYAEITGWGKCLPPATLSNHDLSTFLDTSDEWIQSRTGIEQRRISHVNTSDLATVAAQHAIACAGVSVEEIDLIIVA
TCSPDSLIPNIASRVQQNLGIPSAAAFDLNAAATGFLYGLETATRLMQASHYRHALVIGAERLSFYLDWTKRDTAVLFGD
GAGAVVLSKTEQKVGLQDAQIGCDAQGRDILAVPKFGTAMDRFDADNGYWAFDFVGKEIFKRAVRGMGAAAQQVLARSGL
STEEIDVVIPHQANIRIIQTLCDLAGIAQDKAFVNIHRYGNTSAATVPIALCEALEQGKIKPHDDLLVAAFGAGLTWGAG
HIRWGERITPLGKSDAQLPSCDHTALDLLSKAIEHCKRHQSE
;
_entity_poly.pdbx_strand_id   A,B
#
# COMPACT_ATOMS: atom_id res chain seq x y z
N GLN A 3 -22.58 -5.42 16.84
CA GLN A 3 -22.16 -5.48 15.41
C GLN A 3 -22.35 -4.13 14.71
N CYS A 4 -21.24 -3.61 14.19
CA CYS A 4 -21.25 -2.35 13.48
C CYS A 4 -21.06 -2.61 11.99
N TYR A 5 -21.41 -1.58 11.22
CA TYR A 5 -21.25 -1.58 9.78
C TYR A 5 -20.70 -0.25 9.35
N ALA A 6 -20.22 -0.21 8.11
CA ALA A 6 -19.58 0.96 7.52
C ALA A 6 -20.39 1.39 6.29
N GLU A 7 -21.35 2.28 6.53
CA GLU A 7 -22.19 2.82 5.46
C GLU A 7 -21.42 3.72 4.49
N ILE A 8 -21.68 3.55 3.19
CA ILE A 8 -21.14 4.48 2.19
C ILE A 8 -22.05 5.72 2.25
N THR A 9 -21.58 6.77 2.91
CA THR A 9 -22.35 7.99 3.14
C THR A 9 -21.97 9.12 2.18
N GLY A 10 -20.84 8.95 1.49
CA GLY A 10 -20.34 9.94 0.53
C GLY A 10 -19.70 9.27 -0.66
N TRP A 11 -19.86 9.88 -1.83
CA TRP A 11 -19.27 9.38 -3.08
C TRP A 11 -18.84 10.58 -3.92
N GLY A 12 -17.80 10.39 -4.73
CA GLY A 12 -17.24 11.50 -5.51
C GLY A 12 -16.22 11.03 -6.51
N LYS A 13 -15.98 11.85 -7.53
CA LYS A 13 -15.06 11.50 -8.61
C LYS A 13 -14.24 12.71 -9.03
N CYS A 14 -13.17 12.45 -9.77
CA CYS A 14 -12.41 13.48 -10.43
C CYS A 14 -11.81 12.89 -11.69
N LEU A 15 -12.28 13.40 -12.83
CA LEU A 15 -11.80 13.01 -14.15
C LEU A 15 -11.09 14.23 -14.74
N PRO A 16 -9.81 14.10 -15.10
CA PRO A 16 -9.16 15.26 -15.73
C PRO A 16 -9.79 15.58 -17.11
N PRO A 17 -9.77 16.86 -17.52
CA PRO A 17 -10.50 17.30 -18.73
C PRO A 17 -9.95 16.81 -20.09
N ALA A 18 -8.62 16.68 -20.21
CA ALA A 18 -7.99 16.40 -21.51
C ALA A 18 -8.34 14.99 -21.96
N THR A 19 -8.95 14.88 -23.14
CA THR A 19 -9.54 13.62 -23.59
C THR A 19 -8.78 13.05 -24.78
N LEU A 20 -8.33 11.80 -24.66
CA LEU A 20 -7.64 11.09 -25.73
C LEU A 20 -8.67 10.19 -26.43
N SER A 21 -9.09 10.57 -27.63
CA SER A 21 -10.04 9.76 -28.39
C SER A 21 -9.34 8.57 -29.07
N ASN A 22 -10.15 7.63 -29.56
CA ASN A 22 -9.65 6.53 -30.37
C ASN A 22 -9.02 7.08 -31.66
N HIS A 23 -9.67 8.08 -32.25
CA HIS A 23 -9.13 8.80 -33.41
C HIS A 23 -7.76 9.44 -33.13
N ASP A 24 -7.57 10.02 -31.94
CA ASP A 24 -6.27 10.58 -31.54
C ASP A 24 -5.18 9.50 -31.48
N LEU A 25 -5.53 8.31 -30.96
CA LEU A 25 -4.58 7.18 -30.92
C LEU A 25 -4.23 6.68 -32.33
N SER A 26 -5.18 6.75 -33.25
CA SER A 26 -4.94 6.43 -34.67
C SER A 26 -3.93 7.36 -35.34
N THR A 27 -3.79 8.59 -34.82
CA THR A 27 -2.85 9.58 -35.35
C THR A 27 -1.37 9.17 -35.23
N PHE A 28 -1.01 8.36 -34.23
CA PHE A 28 0.40 7.94 -34.04
C PHE A 28 0.65 6.44 -33.80
N LEU A 29 -0.37 5.59 -34.00
CA LEU A 29 -0.27 4.14 -33.79
C LEU A 29 -1.09 3.40 -34.84
N ASP A 30 -0.70 2.16 -35.15
CA ASP A 30 -1.41 1.35 -36.15
C ASP A 30 -2.63 0.67 -35.50
N THR A 31 -3.68 1.47 -35.31
CA THR A 31 -4.92 1.05 -34.64
C THR A 31 -6.10 1.87 -35.18
N SER A 32 -7.32 1.54 -34.73
CA SER A 32 -8.52 2.20 -35.22
C SER A 32 -9.63 2.27 -34.16
N ASP A 33 -10.51 3.25 -34.31
CA ASP A 33 -11.74 3.32 -33.53
C ASP A 33 -12.49 1.99 -33.60
N GLU A 34 -12.61 1.46 -34.82
CA GLU A 34 -13.31 0.20 -35.09
C GLU A 34 -12.76 -1.00 -34.29
N TRP A 35 -11.44 -1.11 -34.20
CA TRP A 35 -10.84 -2.21 -33.45
C TRP A 35 -11.03 -1.98 -31.95
N ILE A 36 -10.64 -0.80 -31.48
CA ILE A 36 -10.65 -0.50 -30.04
C ILE A 36 -12.07 -0.61 -29.50
N GLN A 37 -13.03 0.02 -30.19
CA GLN A 37 -14.41 0.04 -29.71
C GLN A 37 -15.06 -1.35 -29.67
N SER A 38 -14.87 -2.16 -30.72
CA SER A 38 -15.50 -3.49 -30.79
C SER A 38 -14.86 -4.52 -29.85
N ARG A 39 -13.54 -4.47 -29.65
CA ARG A 39 -12.86 -5.42 -28.77
C ARG A 39 -12.95 -5.06 -27.28
N THR A 40 -12.83 -3.77 -26.96
CA THR A 40 -12.73 -3.30 -25.57
C THR A 40 -13.94 -2.51 -25.04
N GLY A 41 -14.70 -1.88 -25.95
CA GLY A 41 -15.74 -0.92 -25.59
C GLY A 41 -15.26 0.51 -25.33
N ILE A 42 -13.95 0.74 -25.40
CA ILE A 42 -13.38 2.06 -25.11
C ILE A 42 -13.52 2.97 -26.33
N GLU A 43 -14.01 4.19 -26.11
CA GLU A 43 -14.07 5.23 -27.14
C GLU A 43 -13.17 6.40 -26.77
N GLN A 44 -13.14 6.76 -25.48
CA GLN A 44 -12.33 7.85 -24.98
C GLN A 44 -11.69 7.47 -23.64
N ARG A 45 -10.66 8.24 -23.28
CA ARG A 45 -10.11 8.18 -21.94
C ARG A 45 -9.47 9.51 -21.61
N ARG A 46 -9.32 9.77 -20.31
CA ARG A 46 -8.78 11.04 -19.84
C ARG A 46 -7.29 10.92 -19.50
N ILE A 47 -6.57 12.00 -19.76
CA ILE A 47 -5.15 12.10 -19.48
C ILE A 47 -4.95 13.28 -18.53
N SER A 48 -4.35 13.00 -17.37
CA SER A 48 -4.21 13.99 -16.32
C SER A 48 -3.08 14.96 -16.65
N HIS A 49 -3.37 16.24 -16.47
CA HIS A 49 -2.35 17.31 -16.39
C HIS A 49 -1.78 17.52 -14.98
N VAL A 50 -2.27 16.75 -14.00
CA VAL A 50 -1.86 16.87 -12.59
C VAL A 50 -1.43 15.52 -12.01
N ASN A 51 -0.77 15.58 -10.85
CA ASN A 51 -0.33 14.36 -10.18
C ASN A 51 -1.50 13.56 -9.60
N THR A 52 -1.27 12.27 -9.39
CA THR A 52 -2.27 11.35 -8.84
C THR A 52 -2.93 11.86 -7.55
N SER A 53 -2.12 12.41 -6.63
CA SER A 53 -2.65 12.95 -5.36
C SER A 53 -3.65 14.10 -5.54
N ASP A 54 -3.50 14.88 -6.63
CA ASP A 54 -4.43 15.97 -6.94
C ASP A 54 -5.79 15.47 -7.38
N LEU A 55 -5.81 14.43 -8.21
CA LEU A 55 -7.04 13.77 -8.62
C LEU A 55 -7.73 13.16 -7.40
N ALA A 56 -6.95 12.49 -6.55
CA ALA A 56 -7.44 11.92 -5.29
C ALA A 56 -8.13 12.93 -4.39
N THR A 57 -7.51 14.10 -4.29
CA THR A 57 -7.94 15.14 -3.37
C THR A 57 -9.29 15.70 -3.78
N VAL A 58 -9.44 16.00 -5.08
CA VAL A 58 -10.71 16.51 -5.62
C VAL A 58 -11.83 15.47 -5.46
N ALA A 59 -11.57 14.21 -5.81
CA ALA A 59 -12.56 13.16 -5.60
C ALA A 59 -12.97 13.10 -4.12
N ALA A 60 -11.98 13.18 -3.24
CA ALA A 60 -12.21 13.20 -1.77
C ALA A 60 -13.06 14.39 -1.34
N GLN A 61 -12.73 15.58 -1.82
CA GLN A 61 -13.54 16.78 -1.56
C GLN A 61 -15.01 16.62 -1.93
N HIS A 62 -15.28 16.03 -3.09
CA HIS A 62 -16.66 15.76 -3.51
C HIS A 62 -17.34 14.74 -2.60
N ALA A 63 -16.64 13.68 -2.23
CA ALA A 63 -17.20 12.66 -1.33
C ALA A 63 -17.46 13.18 0.07
N ILE A 64 -16.56 14.03 0.56
CA ILE A 64 -16.74 14.68 1.86
C ILE A 64 -17.99 15.59 1.93
N ALA A 65 -18.20 16.44 0.91
CA ALA A 65 -19.42 17.25 0.85
C ALA A 65 -20.67 16.37 0.69
N CYS A 66 -20.55 15.33 -0.10
CA CYS A 66 -21.66 14.39 -0.30
C CYS A 66 -22.09 13.77 1.04
N ALA A 67 -21.11 13.44 1.88
CA ALA A 67 -21.35 12.84 3.21
C ALA A 67 -21.67 13.85 4.32
N GLY A 68 -21.32 15.12 4.12
CA GLY A 68 -21.47 16.13 5.16
C GLY A 68 -20.61 15.90 6.40
N VAL A 69 -19.50 15.21 6.23
CA VAL A 69 -18.60 14.88 7.36
C VAL A 69 -17.54 15.97 7.47
N SER A 70 -17.21 16.37 8.70
CA SER A 70 -16.12 17.32 8.92
C SER A 70 -14.78 16.57 8.83
N VAL A 71 -13.72 17.33 8.58
CA VAL A 71 -12.35 16.81 8.52
C VAL A 71 -11.89 16.26 9.87
N GLU A 72 -12.45 16.78 10.95
CA GLU A 72 -12.13 16.34 12.30
C GLU A 72 -12.64 14.91 12.56
N GLU A 73 -13.71 14.51 11.86
CA GLU A 73 -14.35 13.21 12.05
C GLU A 73 -13.70 12.07 11.25
N ILE A 74 -12.83 12.40 10.30
CA ILE A 74 -12.18 11.41 9.47
C ILE A 74 -11.04 10.78 10.26
N ASP A 75 -11.12 9.46 10.49
CA ASP A 75 -10.14 8.72 11.31
C ASP A 75 -9.18 7.84 10.50
N LEU A 76 -9.46 7.68 9.21
CA LEU A 76 -8.73 6.77 8.35
C LEU A 76 -8.80 7.23 6.90
N ILE A 77 -7.64 7.25 6.23
CA ILE A 77 -7.52 7.61 4.83
C ILE A 77 -6.76 6.49 4.14
N ILE A 78 -7.38 5.83 3.15
CA ILE A 78 -6.72 4.84 2.30
C ILE A 78 -6.77 5.32 0.84
N VAL A 79 -5.61 5.43 0.20
CA VAL A 79 -5.53 5.69 -1.24
C VAL A 79 -5.08 4.40 -1.91
N ALA A 80 -5.99 3.80 -2.66
CA ALA A 80 -5.65 2.67 -3.48
C ALA A 80 -5.09 3.22 -4.79
N THR A 81 -3.84 2.87 -5.07
CA THR A 81 -3.15 3.33 -6.29
C THR A 81 -1.92 2.49 -6.58
N CYS A 82 -1.54 2.42 -7.85
CA CYS A 82 -0.26 1.85 -8.29
C CYS A 82 0.55 2.89 -9.08
N SER A 83 0.16 4.16 -8.98
CA SER A 83 0.84 5.26 -9.66
C SER A 83 1.03 6.46 -8.73
N PRO A 84 1.50 6.21 -7.50
CA PRO A 84 1.64 7.31 -6.56
C PRO A 84 2.74 8.33 -6.94
N ASP A 85 2.47 9.61 -6.65
CA ASP A 85 3.41 10.72 -6.87
C ASP A 85 4.79 10.38 -6.34
N SER A 86 4.78 9.82 -5.12
CA SER A 86 5.98 9.51 -4.37
C SER A 86 5.78 8.20 -3.61
N LEU A 87 6.89 7.54 -3.29
CA LEU A 87 6.89 6.41 -2.38
C LEU A 87 7.16 6.88 -0.96
N ILE A 88 7.92 7.98 -0.84
CA ILE A 88 8.30 8.57 0.43
C ILE A 88 7.98 10.07 0.43
N PRO A 89 6.99 10.52 1.22
CA PRO A 89 6.05 9.67 1.96
C PRO A 89 5.01 9.11 1.01
N ASN A 90 4.01 8.45 1.60
CA ASN A 90 2.85 7.96 0.85
C ASN A 90 1.99 9.19 0.40
N ILE A 91 1.07 8.98 -0.53
CA ILE A 91 0.18 10.08 -0.96
C ILE A 91 -1.15 10.18 -0.23
N ALA A 92 -1.54 9.17 0.51
CA ALA A 92 -2.64 9.33 1.48
C ALA A 92 -2.36 10.53 2.39
N SER A 93 -1.11 10.65 2.87
CA SER A 93 -0.69 11.79 3.69
C SER A 93 -0.72 13.15 2.96
N ARG A 94 -0.52 13.14 1.64
CA ARG A 94 -0.65 14.35 0.83
C ARG A 94 -2.12 14.79 0.77
N VAL A 95 -3.01 13.85 0.45
CA VAL A 95 -4.45 14.12 0.52
C VAL A 95 -4.82 14.64 1.92
N GLN A 96 -4.29 13.98 2.96
CA GLN A 96 -4.51 14.45 4.32
C GLN A 96 -4.06 15.92 4.53
N GLN A 97 -2.84 16.22 4.07
CA GLN A 97 -2.29 17.59 4.12
C GLN A 97 -3.17 18.58 3.37
N ASN A 98 -3.55 18.24 2.14
CA ASN A 98 -4.38 19.13 1.30
C ASN A 98 -5.69 19.52 1.97
N LEU A 99 -6.34 18.57 2.63
CA LEU A 99 -7.65 18.80 3.26
C LEU A 99 -7.61 19.20 4.73
N GLY A 100 -6.43 19.31 5.34
CA GLY A 100 -6.30 19.68 6.75
C GLY A 100 -6.97 18.68 7.70
N ILE A 101 -6.91 17.40 7.36
CA ILE A 101 -7.47 16.34 8.23
C ILE A 101 -6.40 16.10 9.30
N PRO A 102 -6.71 16.38 10.58
CA PRO A 102 -5.71 16.06 11.59
C PRO A 102 -5.75 14.57 11.95
N SER A 103 -4.62 14.02 12.36
CA SER A 103 -4.59 12.75 13.13
C SER A 103 -4.81 11.43 12.41
N ALA A 104 -5.63 11.42 11.36
CA ALA A 104 -6.11 10.15 10.75
C ALA A 104 -4.98 9.22 10.34
N ALA A 105 -5.21 7.92 10.47
CA ALA A 105 -4.33 6.94 9.89
C ALA A 105 -4.39 7.18 8.39
N ALA A 106 -3.25 7.11 7.72
CA ALA A 106 -3.18 7.40 6.30
C ALA A 106 -2.20 6.48 5.64
N PHE A 107 -2.67 5.62 4.74
CA PHE A 107 -1.75 4.77 3.97
C PHE A 107 -2.16 4.53 2.52
N ASP A 108 -1.16 4.21 1.71
CA ASP A 108 -1.42 3.76 0.34
C ASP A 108 -1.48 2.25 0.31
N LEU A 109 -2.41 1.75 -0.51
CA LEU A 109 -2.68 0.34 -0.64
C LEU A 109 -2.48 0.03 -2.10
N ASN A 110 -1.61 -0.93 -2.41
CA ASN A 110 -1.39 -1.34 -3.78
C ASN A 110 -1.83 -2.79 -4.00
N ALA A 111 -2.98 -2.94 -4.67
CA ALA A 111 -3.43 -4.21 -5.25
C ALA A 111 -3.92 -4.01 -6.69
N ALA A 112 -3.28 -3.08 -7.41
CA ALA A 112 -3.64 -2.72 -8.79
C ALA A 112 -5.15 -2.40 -8.87
N ALA A 113 -5.85 -2.77 -9.95
CA ALA A 113 -7.24 -2.37 -10.12
C ALA A 113 -8.20 -2.87 -9.02
N THR A 114 -7.83 -3.98 -8.36
CA THR A 114 -8.63 -4.50 -7.25
C THR A 114 -8.44 -3.68 -5.96
N GLY A 115 -7.52 -2.71 -5.96
CA GLY A 115 -7.17 -1.94 -4.77
C GLY A 115 -8.30 -1.17 -4.10
N PHE A 116 -9.25 -0.65 -4.87
CA PHE A 116 -10.37 0.02 -4.22
C PHE A 116 -11.22 -0.96 -3.42
N LEU A 117 -11.56 -2.09 -4.03
CA LEU A 117 -12.26 -3.16 -3.31
C LEU A 117 -11.47 -3.63 -2.08
N TYR A 118 -10.16 -3.83 -2.23
CA TYR A 118 -9.29 -4.14 -1.07
C TYR A 118 -9.39 -3.05 0.01
N GLY A 119 -9.35 -1.79 -0.44
CA GLY A 119 -9.48 -0.62 0.45
C GLY A 119 -10.83 -0.57 1.15
N LEU A 120 -11.90 -0.88 0.42
CA LEU A 120 -13.25 -0.90 1.01
C LEU A 120 -13.36 -2.01 2.05
N GLU A 121 -12.84 -3.17 1.70
CA GLU A 121 -12.79 -4.31 2.62
C GLU A 121 -11.99 -3.95 3.87
N THR A 122 -10.79 -3.40 3.66
CA THR A 122 -9.90 -3.07 4.76
C THR A 122 -10.49 -2.02 5.68
N ALA A 123 -11.02 -0.92 5.13
CA ALA A 123 -11.63 0.14 5.96
C ALA A 123 -12.85 -0.37 6.68
N THR A 124 -13.66 -1.19 6.01
CA THR A 124 -14.87 -1.72 6.63
C THR A 124 -14.51 -2.58 7.86
N ARG A 125 -13.51 -3.46 7.73
CA ARG A 125 -13.16 -4.32 8.86
C ARG A 125 -12.45 -3.56 9.96
N LEU A 126 -11.61 -2.60 9.61
CA LEU A 126 -11.01 -1.70 10.61
C LEU A 126 -12.10 -1.06 11.44
N MET A 127 -13.13 -0.55 10.76
CA MET A 127 -14.21 0.15 11.45
C MET A 127 -15.05 -0.79 12.27
N GLN A 128 -15.27 -2.02 11.79
CA GLN A 128 -16.10 -2.97 12.54
C GLN A 128 -15.42 -3.51 13.79
N ALA A 129 -14.11 -3.69 13.72
CA ALA A 129 -13.31 -4.29 14.80
C ALA A 129 -12.66 -3.27 15.75
N SER A 130 -12.54 -2.00 15.33
CA SER A 130 -11.87 -1.00 16.16
C SER A 130 -12.51 0.38 16.07
N HIS A 131 -11.80 1.41 16.51
CA HIS A 131 -12.35 2.76 16.77
C HIS A 131 -11.94 3.69 15.61
N TYR A 132 -12.61 3.49 14.48
CA TYR A 132 -12.55 4.41 13.35
C TYR A 132 -14.03 4.77 13.09
N ARG A 133 -14.37 6.04 13.27
CA ARG A 133 -15.75 6.52 13.14
C ARG A 133 -16.14 6.71 11.68
N HIS A 134 -15.25 7.33 10.91
CA HIS A 134 -15.44 7.58 9.48
C HIS A 134 -14.13 7.37 8.76
N ALA A 135 -14.23 6.94 7.50
CA ALA A 135 -13.09 6.68 6.65
C ALA A 135 -13.27 7.27 5.27
N LEU A 136 -12.14 7.61 4.66
CA LEU A 136 -12.08 8.09 3.30
C LEU A 136 -11.28 7.05 2.54
N VAL A 137 -11.90 6.41 1.54
CA VAL A 137 -11.26 5.41 0.69
C VAL A 137 -11.31 5.89 -0.76
N ILE A 138 -10.14 5.98 -1.38
CA ILE A 138 -9.96 6.64 -2.67
C ILE A 138 -9.23 5.69 -3.61
N GLY A 139 -9.75 5.47 -4.81
CA GLY A 139 -9.02 4.80 -5.88
C GLY A 139 -8.60 5.90 -6.83
N ALA A 140 -7.29 6.11 -7.00
CA ALA A 140 -6.75 7.22 -7.80
C ALA A 140 -5.54 6.78 -8.61
N GLU A 141 -5.50 7.16 -9.90
CA GLU A 141 -4.46 6.69 -10.80
C GLU A 141 -4.10 7.72 -11.88
N ARG A 142 -2.81 7.76 -12.23
CA ARG A 142 -2.33 8.45 -13.42
C ARG A 142 -1.54 7.39 -14.18
N LEU A 143 -2.29 6.47 -14.78
CA LEU A 143 -1.73 5.35 -15.52
C LEU A 143 -0.95 5.81 -16.77
N SER A 144 -1.33 6.96 -17.32
CA SER A 144 -0.63 7.52 -18.49
C SER A 144 0.90 7.68 -18.29
N PHE A 145 1.35 7.85 -17.03
CA PHE A 145 2.78 7.82 -16.67
C PHE A 145 3.55 6.61 -17.22
N TYR A 146 2.90 5.46 -17.22
CA TYR A 146 3.54 4.16 -17.44
C TYR A 146 3.59 3.67 -18.88
N LEU A 147 2.75 4.23 -19.74
CA LEU A 147 2.43 3.59 -21.01
C LEU A 147 3.58 3.66 -22.01
N ASP A 148 3.66 2.63 -22.85
CA ASP A 148 4.61 2.55 -23.95
C ASP A 148 3.87 3.02 -25.20
N TRP A 149 4.17 4.25 -25.63
CA TRP A 149 3.45 4.88 -26.73
C TRP A 149 3.78 4.32 -28.13
N THR A 150 4.70 3.35 -28.22
CA THR A 150 4.88 2.54 -29.44
C THR A 150 4.02 1.26 -29.48
N LYS A 151 3.62 0.76 -28.30
CA LYS A 151 2.91 -0.52 -28.19
C LYS A 151 1.40 -0.31 -28.10
N ARG A 152 0.72 -0.59 -29.21
CA ARG A 152 -0.74 -0.40 -29.32
C ARG A 152 -1.59 -1.31 -28.40
N ASP A 153 -1.07 -2.46 -28.01
CA ASP A 153 -1.85 -3.43 -27.21
C ASP A 153 -2.28 -2.86 -25.87
N THR A 154 -1.40 -2.10 -25.23
CA THR A 154 -1.64 -1.44 -23.94
C THR A 154 -1.91 0.06 -24.05
N ALA A 155 -1.35 0.73 -25.05
CA ALA A 155 -1.46 2.19 -25.16
C ALA A 155 -2.92 2.68 -25.28
N VAL A 156 -3.79 1.83 -25.85
CA VAL A 156 -5.21 2.15 -26.04
C VAL A 156 -6.15 1.78 -24.87
N LEU A 157 -5.64 1.13 -23.82
CA LEU A 157 -6.51 0.53 -22.78
C LEU A 157 -6.73 1.36 -21.51
N PHE A 158 -5.78 2.24 -21.19
CA PHE A 158 -5.72 2.85 -19.87
C PHE A 158 -5.89 4.37 -19.90
N GLY A 159 -6.46 4.88 -18.81
CA GLY A 159 -6.63 6.30 -18.59
C GLY A 159 -6.38 6.67 -17.14
N ASP A 160 -6.67 7.93 -16.83
CA ASP A 160 -6.39 8.55 -15.57
C ASP A 160 -7.70 8.98 -14.93
N GLY A 161 -7.74 8.97 -13.60
CA GLY A 161 -8.89 9.47 -12.87
C GLY A 161 -8.85 9.06 -11.42
N ALA A 162 -9.86 9.46 -10.68
CA ALA A 162 -10.01 9.04 -9.28
C ALA A 162 -11.46 9.01 -8.86
N GLY A 163 -11.76 8.10 -7.93
CA GLY A 163 -13.05 8.04 -7.24
C GLY A 163 -12.83 7.87 -5.74
N ALA A 164 -13.79 8.35 -4.96
CA ALA A 164 -13.72 8.26 -3.51
C ALA A 164 -15.07 7.91 -2.91
N VAL A 165 -15.00 7.27 -1.74
CA VAL A 165 -16.15 7.17 -0.88
C VAL A 165 -15.78 7.63 0.51
N VAL A 166 -16.81 8.01 1.24
CA VAL A 166 -16.72 8.22 2.69
C VAL A 166 -17.57 7.12 3.30
N LEU A 167 -17.04 6.51 4.36
CA LEU A 167 -17.73 5.51 5.14
C LEU A 167 -18.05 6.05 6.52
N SER A 168 -19.21 5.69 7.04
CA SER A 168 -19.61 6.12 8.38
C SER A 168 -20.13 4.95 9.16
N LYS A 169 -19.62 4.81 10.37
CA LYS A 169 -19.95 3.70 11.24
C LYS A 169 -21.42 3.79 11.64
N THR A 170 -22.11 2.64 11.59
CA THR A 170 -23.53 2.57 11.91
C THR A 170 -23.92 1.19 12.43
N GLU A 171 -25.02 1.15 13.16
CA GLU A 171 -25.65 -0.10 13.59
C GLU A 171 -26.48 -0.75 12.47
N GLN A 172 -26.92 0.03 11.48
CA GLN A 172 -27.72 -0.45 10.36
C GLN A 172 -26.92 -1.38 9.46
N LYS A 173 -27.58 -2.40 8.95
CA LYS A 173 -26.92 -3.44 8.15
C LYS A 173 -26.80 -2.98 6.69
N VAL A 174 -25.84 -2.10 6.46
CA VAL A 174 -25.65 -1.41 5.20
C VAL A 174 -24.14 -1.35 4.91
N GLY A 175 -23.77 -0.87 3.73
CA GLY A 175 -22.40 -0.90 3.27
C GLY A 175 -22.00 -2.33 2.90
N LEU A 176 -20.68 -2.53 2.84
CA LEU A 176 -20.10 -3.80 2.49
C LEU A 176 -20.49 -4.84 3.50
N GLN A 177 -21.08 -5.92 2.99
CA GLN A 177 -21.48 -7.07 3.75
C GLN A 177 -20.35 -8.13 3.61
N ASP A 178 -20.58 -9.30 3.02
CA ASP A 178 -19.46 -10.17 2.68
C ASP A 178 -18.64 -9.65 1.48
N ALA A 179 -17.34 -9.91 1.55
CA ALA A 179 -16.41 -9.73 0.46
C ALA A 179 -15.47 -10.91 0.40
N GLN A 180 -14.95 -11.16 -0.79
CA GLN A 180 -13.96 -12.18 -0.99
C GLN A 180 -12.90 -11.58 -1.86
N ILE A 181 -11.74 -11.33 -1.28
CA ILE A 181 -10.61 -10.81 -2.07
C ILE A 181 -9.48 -11.82 -2.07
N GLY A 182 -8.67 -11.80 -3.11
CA GLY A 182 -7.62 -12.81 -3.24
C GLY A 182 -6.63 -12.43 -4.28
N CYS A 183 -5.76 -13.36 -4.61
CA CYS A 183 -4.77 -13.13 -5.65
C CYS A 183 -4.34 -14.47 -6.25
N ASP A 184 -4.23 -14.48 -7.59
CA ASP A 184 -3.81 -15.60 -8.41
C ASP A 184 -2.39 -15.25 -8.85
N ALA A 185 -1.43 -15.60 -7.99
CA ALA A 185 -0.04 -15.23 -8.18
C ALA A 185 0.65 -15.94 -9.34
N GLN A 186 0.06 -17.04 -9.84
CA GLN A 186 0.50 -17.65 -11.12
C GLN A 186 0.18 -16.79 -12.34
N GLY A 187 -0.69 -15.78 -12.19
CA GLY A 187 -0.87 -14.77 -13.21
C GLY A 187 -0.05 -13.51 -13.02
N ARG A 188 0.97 -13.56 -12.17
CA ARG A 188 1.71 -12.35 -11.84
C ARG A 188 2.45 -11.77 -13.06
N ASP A 189 3.02 -12.63 -13.90
CA ASP A 189 3.91 -12.17 -14.98
C ASP A 189 3.19 -11.75 -16.27
N ILE A 190 1.91 -12.11 -16.39
CA ILE A 190 1.14 -11.78 -17.59
C ILE A 190 0.69 -10.32 -17.67
N LEU A 191 0.87 -9.56 -16.60
CA LEU A 191 0.47 -8.16 -16.57
C LEU A 191 1.35 -7.44 -15.57
N ALA A 192 2.29 -6.62 -16.07
CA ALA A 192 3.46 -6.23 -15.27
C ALA A 192 4.29 -5.13 -15.91
N VAL A 193 4.83 -4.25 -15.08
CA VAL A 193 5.89 -3.31 -15.48
C VAL A 193 7.05 -3.56 -14.52
N PRO A 194 7.82 -4.64 -14.75
CA PRO A 194 8.80 -5.02 -13.73
C PRO A 194 9.92 -4.00 -13.44
N LYS A 195 10.17 -3.07 -14.36
CA LYS A 195 11.32 -2.14 -14.21
C LYS A 195 10.91 -0.68 -13.92
N PHE A 196 9.80 -0.50 -13.23
CA PHE A 196 9.60 0.74 -12.49
C PHE A 196 9.37 0.41 -11.03
N GLY A 197 10.28 0.90 -10.19
CA GLY A 197 10.33 0.56 -8.77
C GLY A 197 11.79 0.40 -8.43
N THR A 198 12.08 -0.22 -7.30
CA THR A 198 13.47 -0.34 -6.86
C THR A 198 14.25 -1.44 -7.57
N ALA A 199 13.55 -2.24 -8.39
CA ALA A 199 14.18 -3.17 -9.32
C ALA A 199 14.84 -2.49 -10.52
N MET A 200 14.51 -1.22 -10.80
CA MET A 200 15.12 -0.50 -11.92
C MET A 200 16.53 -0.02 -11.58
N ASP A 201 17.35 0.16 -12.60
CA ASP A 201 18.68 0.76 -12.47
C ASP A 201 18.51 2.29 -12.44
N ARG A 202 18.68 2.84 -11.25
CA ARG A 202 18.52 4.29 -10.99
C ARG A 202 19.39 5.22 -11.85
N PHE A 203 20.57 4.74 -12.27
CA PHE A 203 21.52 5.59 -13.01
C PHE A 203 21.68 5.27 -14.49
N ASP A 204 20.93 4.28 -14.98
CA ASP A 204 20.86 4.01 -16.41
C ASP A 204 19.97 5.06 -17.09
N ALA A 205 20.53 5.70 -18.12
CA ALA A 205 19.84 6.75 -18.88
C ALA A 205 18.73 6.23 -19.77
N ASP A 206 18.74 4.92 -20.10
CA ASP A 206 17.60 4.27 -20.77
C ASP A 206 16.54 3.67 -19.83
N ASN A 207 16.64 3.91 -18.52
CA ASN A 207 15.69 3.27 -17.56
C ASN A 207 14.20 3.66 -17.74
N GLY A 208 13.95 4.78 -18.43
CA GLY A 208 12.59 5.21 -18.78
C GLY A 208 11.85 4.41 -19.85
N TYR A 209 12.56 3.57 -20.60
CA TYR A 209 11.98 2.81 -21.71
C TYR A 209 11.72 1.38 -21.25
N TRP A 210 10.83 1.26 -20.27
CA TRP A 210 10.48 -0.04 -19.67
C TRP A 210 9.44 -0.79 -20.50
N ALA A 211 9.49 -2.11 -20.42
CA ALA A 211 8.48 -2.96 -21.02
C ALA A 211 7.20 -2.96 -20.16
N PHE A 212 6.06 -2.86 -20.82
CA PHE A 212 4.77 -3.17 -20.23
C PHE A 212 4.37 -4.56 -20.76
N ASP A 213 4.62 -5.59 -19.96
CA ASP A 213 4.26 -6.96 -20.33
C ASP A 213 2.75 -7.16 -20.19
N PHE A 214 2.13 -7.77 -21.20
CA PHE A 214 0.67 -7.89 -21.29
C PHE A 214 0.23 -9.05 -22.18
N VAL A 215 -0.36 -10.09 -21.59
CA VAL A 215 -0.87 -11.24 -22.36
C VAL A 215 -2.40 -11.28 -22.24
N GLY A 216 -3.06 -10.57 -23.16
CA GLY A 216 -4.48 -10.28 -23.10
C GLY A 216 -5.38 -11.48 -22.91
N LYS A 217 -5.13 -12.54 -23.67
CA LYS A 217 -5.97 -13.74 -23.61
C LYS A 217 -5.86 -14.44 -22.25
N GLU A 218 -4.63 -14.48 -21.73
CA GLU A 218 -4.38 -15.08 -20.43
C GLU A 218 -4.97 -14.26 -19.29
N ILE A 219 -4.91 -12.94 -19.40
CA ILE A 219 -5.51 -12.03 -18.42
C ILE A 219 -7.02 -12.23 -18.38
N PHE A 220 -7.63 -12.17 -19.56
CA PHE A 220 -9.07 -12.39 -19.73
C PHE A 220 -9.52 -13.63 -18.96
N LYS A 221 -8.85 -14.75 -19.24
CA LYS A 221 -9.21 -16.05 -18.66
C LYS A 221 -9.06 -16.09 -17.13
N ARG A 222 -7.90 -15.65 -16.63
CA ARG A 222 -7.65 -15.62 -15.19
C ARG A 222 -8.57 -14.64 -14.45
N ALA A 223 -8.86 -13.49 -15.09
CA ALA A 223 -9.79 -12.49 -14.56
C ALA A 223 -11.20 -13.04 -14.41
N VAL A 224 -11.72 -13.67 -15.47
CA VAL A 224 -13.08 -14.25 -15.45
C VAL A 224 -13.20 -15.31 -14.34
N ARG A 225 -12.22 -16.21 -14.27
CA ARG A 225 -12.17 -17.25 -13.23
C ARG A 225 -12.09 -16.63 -11.81
N GLY A 226 -11.14 -15.71 -11.63
CA GLY A 226 -10.92 -15.03 -10.34
C GLY A 226 -12.15 -14.31 -9.83
N MET A 227 -12.65 -13.36 -10.62
CA MET A 227 -13.86 -12.61 -10.27
C MET A 227 -15.08 -13.50 -10.10
N GLY A 228 -15.27 -14.44 -11.03
CA GLY A 228 -16.42 -15.34 -11.03
C GLY A 228 -16.48 -16.16 -9.76
N ALA A 229 -15.38 -16.82 -9.40
CA ALA A 229 -15.40 -17.64 -8.19
C ALA A 229 -15.56 -16.75 -6.95
N ALA A 230 -14.98 -15.55 -6.94
CA ALA A 230 -15.16 -14.63 -5.81
C ALA A 230 -16.62 -14.19 -5.66
N ALA A 231 -17.25 -13.83 -6.78
CA ALA A 231 -18.65 -13.46 -6.76
C ALA A 231 -19.54 -14.61 -6.27
N GLN A 232 -19.27 -15.84 -6.72
CA GLN A 232 -20.00 -17.03 -6.23
C GLN A 232 -19.88 -17.26 -4.72
N GLN A 233 -18.67 -17.13 -4.17
CA GLN A 233 -18.46 -17.25 -2.73
C GLN A 233 -19.21 -16.17 -1.97
N VAL A 234 -19.19 -14.95 -2.48
CA VAL A 234 -19.96 -13.86 -1.84
C VAL A 234 -21.44 -14.18 -1.85
N LEU A 235 -22.00 -14.52 -3.00
CA LEU A 235 -23.45 -14.83 -3.06
C LEU A 235 -23.81 -16.05 -2.20
N ALA A 236 -23.05 -17.14 -2.31
CA ALA A 236 -23.29 -18.36 -1.55
C ALA A 236 -23.29 -18.14 -0.05
N ARG A 237 -22.23 -17.53 0.45
CA ARG A 237 -22.08 -17.25 1.90
C ARG A 237 -23.19 -16.32 2.45
N SER A 238 -23.68 -15.42 1.62
CA SER A 238 -24.67 -14.42 2.01
C SER A 238 -26.14 -14.87 1.90
N GLY A 239 -26.38 -16.07 1.34
CA GLY A 239 -27.74 -16.59 1.15
C GLY A 239 -28.56 -15.85 0.10
N LEU A 240 -27.90 -15.08 -0.76
CA LEU A 240 -28.56 -14.34 -1.83
C LEU A 240 -28.74 -15.24 -3.05
N SER A 241 -29.92 -15.22 -3.65
CA SER A 241 -30.08 -15.70 -5.02
C SER A 241 -29.59 -14.59 -5.95
N THR A 242 -29.28 -14.96 -7.19
CA THR A 242 -28.65 -14.04 -8.14
C THR A 242 -29.64 -12.97 -8.62
N GLU A 243 -30.92 -13.36 -8.74
CA GLU A 243 -32.01 -12.44 -9.08
C GLU A 243 -32.13 -11.27 -8.08
N GLU A 244 -31.75 -11.49 -6.83
CA GLU A 244 -31.77 -10.44 -5.81
C GLU A 244 -30.70 -9.36 -5.97
N ILE A 245 -29.66 -9.62 -6.76
CA ILE A 245 -28.67 -8.58 -7.08
C ILE A 245 -29.33 -7.56 -8.01
N ASP A 246 -29.29 -6.29 -7.60
CA ASP A 246 -29.95 -5.21 -8.35
C ASP A 246 -28.99 -4.51 -9.30
N VAL A 247 -27.74 -4.35 -8.90
CA VAL A 247 -26.77 -3.59 -9.69
C VAL A 247 -25.43 -4.26 -9.56
N VAL A 248 -24.71 -4.36 -10.66
CA VAL A 248 -23.34 -4.80 -10.66
C VAL A 248 -22.46 -3.59 -10.93
N ILE A 249 -21.47 -3.36 -10.06
CA ILE A 249 -20.46 -2.30 -10.27
C ILE A 249 -19.13 -2.99 -10.52
N PRO A 250 -18.80 -3.21 -11.81
CA PRO A 250 -17.60 -3.98 -12.12
C PRO A 250 -16.41 -3.10 -12.45
N HIS A 251 -15.21 -3.67 -12.30
CA HIS A 251 -14.01 -3.06 -12.85
C HIS A 251 -14.17 -2.90 -14.39
N GLN A 252 -13.67 -1.79 -14.92
CA GLN A 252 -13.89 -1.37 -16.29
C GLN A 252 -12.61 -1.59 -17.08
N ALA A 253 -12.26 -2.86 -17.26
CA ALA A 253 -11.06 -3.27 -17.98
C ALA A 253 -11.36 -3.54 -19.44
N ASN A 254 -12.47 -4.23 -19.67
CA ASN A 254 -12.85 -4.68 -20.96
C ASN A 254 -14.35 -5.01 -20.88
N ILE A 255 -15.13 -4.48 -21.82
CA ILE A 255 -16.58 -4.70 -21.80
C ILE A 255 -16.95 -6.18 -21.94
N ARG A 256 -16.17 -6.94 -22.71
CA ARG A 256 -16.39 -8.38 -22.87
C ARG A 256 -16.19 -9.17 -21.56
N ILE A 257 -15.24 -8.76 -20.73
CA ILE A 257 -15.04 -9.38 -19.41
C ILE A 257 -16.26 -9.16 -18.51
N ILE A 258 -16.80 -7.94 -18.51
CA ILE A 258 -18.01 -7.61 -17.76
C ILE A 258 -19.16 -8.50 -18.20
N GLN A 259 -19.35 -8.60 -19.52
CA GLN A 259 -20.43 -9.40 -20.10
C GLN A 259 -20.30 -10.90 -19.81
N THR A 260 -19.06 -11.39 -19.83
CA THR A 260 -18.81 -12.78 -19.54
C THR A 260 -19.04 -13.09 -18.06
N LEU A 261 -18.54 -12.24 -17.19
CA LEU A 261 -18.81 -12.34 -15.75
C LEU A 261 -20.30 -12.47 -15.47
N CYS A 262 -21.10 -11.54 -16.03
CA CYS A 262 -22.54 -11.56 -15.83
C CYS A 262 -23.17 -12.80 -16.47
N ASP A 263 -22.73 -13.15 -17.68
CA ASP A 263 -23.28 -14.32 -18.36
C ASP A 263 -23.02 -15.63 -17.58
N LEU A 264 -21.78 -15.86 -17.14
CA LEU A 264 -21.47 -17.09 -16.42
C LEU A 264 -22.20 -17.17 -15.05
N ALA A 265 -22.38 -16.01 -14.40
CA ALA A 265 -23.09 -15.95 -13.13
C ALA A 265 -24.64 -15.99 -13.24
N GLY A 266 -25.16 -15.82 -14.46
CA GLY A 266 -26.60 -15.76 -14.67
C GLY A 266 -27.22 -14.46 -14.19
N ILE A 267 -26.46 -13.37 -14.24
CA ILE A 267 -26.96 -12.04 -13.92
C ILE A 267 -27.29 -11.33 -15.22
N ALA A 268 -28.46 -10.67 -15.26
CA ALA A 268 -28.90 -9.92 -16.45
C ALA A 268 -27.89 -8.84 -16.83
N GLN A 269 -27.59 -8.74 -18.12
CA GLN A 269 -26.52 -7.86 -18.61
C GLN A 269 -26.81 -6.39 -18.31
N ASP A 270 -28.07 -6.00 -18.33
CA ASP A 270 -28.46 -4.62 -18.06
C ASP A 270 -28.32 -4.18 -16.58
N LYS A 271 -27.93 -5.09 -15.69
CA LYS A 271 -27.63 -4.72 -14.30
C LYS A 271 -26.24 -4.14 -14.10
N ALA A 272 -25.33 -4.39 -15.04
CA ALA A 272 -23.97 -3.91 -14.95
C ALA A 272 -23.89 -2.44 -15.37
N PHE A 273 -23.29 -1.61 -14.52
CA PHE A 273 -23.01 -0.22 -14.88
C PHE A 273 -21.70 -0.18 -15.65
N VAL A 274 -21.72 0.44 -16.82
CA VAL A 274 -20.58 0.49 -17.71
C VAL A 274 -20.34 1.95 -18.06
N ASN A 275 -19.13 2.44 -17.77
CA ASN A 275 -18.70 3.77 -18.26
C ASN A 275 -17.33 3.71 -18.93
N ILE A 276 -16.90 2.50 -19.30
CA ILE A 276 -15.57 2.28 -19.86
C ILE A 276 -15.40 3.04 -21.18
N HIS A 277 -16.50 3.22 -21.92
CA HIS A 277 -16.46 3.98 -23.16
C HIS A 277 -15.99 5.44 -23.01
N ARG A 278 -16.19 6.00 -21.82
CA ARG A 278 -15.83 7.39 -21.53
C ARG A 278 -14.41 7.57 -20.98
N TYR A 279 -13.97 6.63 -20.15
CA TYR A 279 -12.76 6.77 -19.34
C TYR A 279 -11.68 5.70 -19.53
N GLY A 280 -12.02 4.58 -20.18
CA GLY A 280 -11.10 3.44 -20.28
C GLY A 280 -10.87 2.79 -18.93
N ASN A 281 -9.79 2.01 -18.84
CA ASN A 281 -9.36 1.38 -17.60
C ASN A 281 -8.53 2.35 -16.77
N THR A 282 -9.13 2.86 -15.69
CA THR A 282 -8.46 3.73 -14.71
C THR A 282 -7.97 2.95 -13.46
N SER A 283 -7.73 1.65 -13.63
CA SER A 283 -7.28 0.76 -12.57
C SER A 283 -8.05 0.93 -11.24
N ALA A 284 -7.40 1.26 -10.13
CA ALA A 284 -8.11 1.36 -8.84
C ALA A 284 -9.27 2.34 -8.83
N ALA A 285 -9.29 3.31 -9.74
CA ALA A 285 -10.39 4.27 -9.78
C ALA A 285 -11.68 3.79 -10.45
N THR A 286 -11.64 2.66 -11.19
CA THR A 286 -12.79 2.25 -11.98
C THR A 286 -14.06 2.06 -11.16
N VAL A 287 -13.96 1.29 -10.08
CA VAL A 287 -15.12 0.96 -9.25
C VAL A 287 -15.72 2.19 -8.57
N PRO A 288 -14.90 3.02 -7.89
CA PRO A 288 -15.53 4.16 -7.19
C PRO A 288 -16.09 5.21 -8.15
N ILE A 289 -15.46 5.41 -9.31
CA ILE A 289 -16.03 6.29 -10.33
C ILE A 289 -17.38 5.75 -10.87
N ALA A 290 -17.41 4.45 -11.19
CA ALA A 290 -18.66 3.78 -11.63
C ALA A 290 -19.74 3.81 -10.55
N LEU A 291 -19.38 3.58 -9.28
CA LEU A 291 -20.34 3.71 -8.19
C LEU A 291 -20.91 5.13 -8.08
N CYS A 292 -20.01 6.11 -8.10
CA CYS A 292 -20.39 7.53 -8.06
C CYS A 292 -21.36 7.86 -9.18
N GLU A 293 -21.02 7.47 -10.40
CA GLU A 293 -21.86 7.77 -11.55
C GLU A 293 -23.16 6.98 -11.57
N ALA A 294 -23.13 5.71 -11.15
CA ALA A 294 -24.37 4.95 -10.97
C ALA A 294 -25.34 5.70 -10.05
N LEU A 295 -24.84 6.24 -8.94
CA LEU A 295 -25.65 7.03 -8.04
C LEU A 295 -26.17 8.31 -8.68
N GLU A 296 -25.29 9.03 -9.37
CA GLU A 296 -25.63 10.26 -10.07
C GLU A 296 -26.75 10.06 -11.11
N GLN A 297 -26.74 8.91 -11.78
CA GLN A 297 -27.66 8.65 -12.88
C GLN A 297 -28.88 7.84 -12.46
N GLY A 298 -29.16 7.76 -11.16
CA GLY A 298 -30.39 7.08 -10.70
C GLY A 298 -30.39 5.56 -10.89
N LYS A 299 -29.21 4.95 -11.01
CA LYS A 299 -29.12 3.48 -11.25
C LYS A 299 -29.24 2.68 -9.95
N ILE A 300 -29.08 3.34 -8.80
CA ILE A 300 -29.11 2.68 -7.50
C ILE A 300 -30.26 3.25 -6.66
N LYS A 301 -31.09 2.35 -6.15
CA LYS A 301 -32.21 2.72 -5.28
C LYS A 301 -31.83 2.45 -3.83
N PRO A 302 -32.48 3.16 -2.89
CA PRO A 302 -32.40 2.79 -1.47
C PRO A 302 -32.66 1.30 -1.25
N HIS A 303 -31.86 0.67 -0.39
CA HIS A 303 -31.99 -0.78 -0.10
C HIS A 303 -31.58 -1.74 -1.20
N ASP A 304 -30.99 -1.28 -2.30
CA ASP A 304 -30.52 -2.19 -3.35
C ASP A 304 -29.38 -3.04 -2.84
N ASP A 305 -29.24 -4.24 -3.44
CA ASP A 305 -28.06 -5.06 -3.29
C ASP A 305 -27.16 -4.86 -4.48
N LEU A 306 -25.92 -4.50 -4.21
CA LEU A 306 -24.90 -4.29 -5.24
C LEU A 306 -23.90 -5.44 -5.15
N LEU A 307 -23.43 -5.89 -6.32
CA LEU A 307 -22.27 -6.75 -6.43
C LEU A 307 -21.14 -5.95 -7.07
N VAL A 308 -20.02 -5.82 -6.35
CA VAL A 308 -18.79 -5.24 -6.85
C VAL A 308 -17.87 -6.38 -7.22
N ALA A 309 -17.17 -6.25 -8.35
CA ALA A 309 -16.23 -7.27 -8.79
C ALA A 309 -15.05 -6.62 -9.50
N ALA A 310 -13.85 -7.11 -9.22
CA ALA A 310 -12.65 -6.52 -9.77
C ALA A 310 -11.48 -7.49 -9.82
N PHE A 311 -10.51 -7.13 -10.64
CA PHE A 311 -9.27 -7.84 -10.80
C PHE A 311 -8.21 -6.86 -11.22
N GLY A 312 -6.95 -7.27 -11.10
CA GLY A 312 -5.84 -6.44 -11.58
C GLY A 312 -4.53 -7.18 -11.55
N ALA A 313 -3.45 -6.46 -11.87
CA ALA A 313 -2.09 -7.04 -11.80
C ALA A 313 -1.81 -7.69 -10.46
N GLY A 314 -1.19 -8.87 -10.48
CA GLY A 314 -1.01 -9.67 -9.29
C GLY A 314 -0.96 -11.18 -9.51
N LEU A 315 -1.99 -11.80 -10.10
CA LEU A 315 -3.25 -11.16 -10.53
C LEU A 315 -4.26 -11.05 -9.37
N THR A 316 -4.46 -9.85 -8.83
CA THR A 316 -5.40 -9.67 -7.74
C THR A 316 -6.84 -9.82 -8.26
N TRP A 317 -7.72 -10.24 -7.36
CA TRP A 317 -9.13 -10.37 -7.67
C TRP A 317 -10.00 -10.16 -6.43
N GLY A 318 -11.27 -9.88 -6.66
CA GLY A 318 -12.22 -9.80 -5.60
C GLY A 318 -13.65 -9.53 -6.00
N ALA A 319 -14.56 -9.76 -5.06
CA ALA A 319 -15.94 -9.37 -5.19
C ALA A 319 -16.46 -8.99 -3.83
N GLY A 320 -17.53 -8.21 -3.80
CA GLY A 320 -18.22 -7.94 -2.57
C GLY A 320 -19.67 -7.58 -2.77
N HIS A 321 -20.44 -7.72 -1.69
CA HIS A 321 -21.86 -7.40 -1.66
C HIS A 321 -22.02 -6.17 -0.81
N ILE A 322 -22.61 -5.12 -1.38
CA ILE A 322 -22.98 -3.91 -0.65
C ILE A 322 -24.49 -3.86 -0.55
N ARG A 323 -25.02 -3.65 0.66
CA ARG A 323 -26.42 -3.37 0.89
C ARG A 323 -26.54 -1.86 1.07
N TRP A 324 -27.28 -1.21 0.17
CA TRP A 324 -27.42 0.23 0.21
C TRP A 324 -28.40 0.59 1.32
N GLY A 325 -28.18 1.73 1.95
CA GLY A 325 -29.10 2.24 2.97
C GLY A 325 -30.16 3.16 2.38
N GLU A 326 -30.43 4.24 3.08
CA GLU A 326 -31.61 5.09 2.81
C GLU A 326 -31.36 6.15 1.74
N ARG A 327 -30.17 6.72 1.73
CA ARG A 327 -29.88 7.95 0.97
C ARG A 327 -29.07 7.67 -0.30
N ILE A 328 -29.56 8.18 -1.44
CA ILE A 328 -28.81 8.10 -2.70
C ILE A 328 -28.49 9.47 -3.27
N THR A 329 -28.66 10.50 -2.46
CA THR A 329 -28.55 11.89 -2.87
C THR A 329 -27.47 12.55 -1.99
N PRO A 330 -26.62 13.39 -2.58
CA PRO A 330 -25.60 14.03 -1.73
C PRO A 330 -26.19 14.99 -0.72
N LEU A 331 -25.56 15.10 0.44
CA LEU A 331 -25.95 16.15 1.41
C LEU A 331 -25.56 17.54 0.91
N GLY A 332 -24.34 17.67 0.41
CA GLY A 332 -23.87 18.93 -0.17
C GLY A 332 -23.00 18.71 -1.38
N LYS A 333 -22.83 19.78 -2.14
CA LYS A 333 -21.93 19.79 -3.30
C LYS A 333 -20.64 20.52 -2.97
N SER A 334 -19.60 20.21 -3.73
CA SER A 334 -18.31 20.87 -3.60
C SER A 334 -18.06 21.65 -4.89
N ASP A 335 -17.49 22.84 -4.74
CA ASP A 335 -16.96 23.59 -5.88
C ASP A 335 -15.51 23.19 -6.27
N ALA A 336 -14.95 22.17 -5.62
CA ALA A 336 -13.56 21.77 -5.87
C ALA A 336 -13.35 21.32 -7.30
N GLN A 337 -12.25 21.80 -7.88
CA GLN A 337 -11.89 21.51 -9.26
C GLN A 337 -10.39 21.47 -9.41
N LEU A 338 -9.94 20.77 -10.45
CA LEU A 338 -8.55 20.81 -10.87
C LEU A 338 -8.21 22.20 -11.45
N PRO A 339 -6.94 22.62 -11.34
CA PRO A 339 -6.52 23.81 -12.11
C PRO A 339 -6.89 23.70 -13.59
N SER A 340 -7.27 24.80 -14.21
CA SER A 340 -7.66 24.81 -15.63
C SER A 340 -6.50 24.38 -16.53
N CYS A 341 -6.85 23.75 -17.65
CA CYS A 341 -5.87 23.33 -18.65
C CYS A 341 -6.50 23.30 -20.04
N ASP A 342 -5.97 24.14 -20.94
CA ASP A 342 -6.48 24.23 -22.31
C ASP A 342 -5.71 23.35 -23.31
N HIS A 343 -4.74 22.59 -22.82
CA HIS A 343 -3.97 21.65 -23.66
C HIS A 343 -4.81 20.41 -23.98
N THR A 344 -4.61 19.85 -25.17
CA THR A 344 -5.22 18.57 -25.56
C THR A 344 -4.46 17.44 -24.88
N ALA A 345 -5.04 16.23 -24.94
CA ALA A 345 -4.36 15.03 -24.44
C ALA A 345 -3.08 14.78 -25.24
N LEU A 346 -3.14 15.00 -26.56
CA LEU A 346 -1.97 14.88 -27.44
C LEU A 346 -0.82 15.81 -27.02
N ASP A 347 -1.13 17.08 -26.71
CA ASP A 347 -0.13 18.05 -26.22
C ASP A 347 0.56 17.56 -24.95
N LEU A 348 -0.22 17.01 -24.02
CA LEU A 348 0.30 16.51 -22.75
C LEU A 348 1.21 15.30 -22.92
N LEU A 349 0.85 14.43 -23.87
CA LEU A 349 1.64 13.22 -24.17
C LEU A 349 2.82 13.46 -25.14
N SER A 350 2.96 14.66 -25.70
CA SER A 350 3.96 14.95 -26.76
C SER A 350 5.40 14.55 -26.38
N LYS A 351 5.91 15.13 -25.29
CA LYS A 351 7.24 14.75 -24.76
C LYS A 351 7.43 13.23 -24.61
N ALA A 352 6.42 12.56 -24.04
CA ALA A 352 6.48 11.10 -23.82
C ALA A 352 6.41 10.30 -25.13
N ILE A 353 5.49 10.68 -26.01
CA ILE A 353 5.35 10.03 -27.32
C ILE A 353 6.63 10.20 -28.15
N GLU A 354 7.18 11.42 -28.17
CA GLU A 354 8.38 11.73 -28.99
C GLU A 354 9.63 10.97 -28.52
N HIS A 355 9.80 10.84 -27.20
CA HIS A 355 10.91 10.05 -26.63
C HIS A 355 10.75 8.55 -26.91
N CYS A 356 9.55 8.02 -26.75
CA CYS A 356 9.29 6.60 -27.03
C CYS A 356 9.55 6.26 -28.50
N LYS A 357 9.06 7.10 -29.40
CA LYS A 357 9.24 6.90 -30.85
C LYS A 357 10.69 7.11 -31.30
N ARG A 358 11.40 8.04 -30.67
CA ARG A 358 12.83 8.27 -30.97
C ARG A 358 13.74 7.13 -30.47
N HIS A 359 13.42 6.56 -29.30
CA HIS A 359 14.17 5.42 -28.74
C HIS A 359 14.03 4.13 -29.56
N GLN A 360 12.86 3.90 -30.15
CA GLN A 360 12.55 2.70 -30.95
C GLN A 360 13.52 2.50 -32.12
N GLN B 3 -15.71 -13.12 20.24
CA GLN B 3 -14.49 -12.29 20.02
C GLN B 3 -13.31 -13.15 19.60
N CYS B 4 -12.73 -12.83 18.46
CA CYS B 4 -11.54 -13.51 17.99
C CYS B 4 -10.34 -12.58 18.14
N TYR B 5 -9.17 -13.19 18.11
CA TYR B 5 -7.90 -12.50 18.19
C TYR B 5 -6.93 -13.11 17.18
N ALA B 6 -5.89 -12.38 16.89
CA ALA B 6 -4.86 -12.77 15.92
C ALA B 6 -3.50 -12.95 16.64
N GLU B 7 -3.26 -14.17 17.08
CA GLU B 7 -2.00 -14.51 17.76
C GLU B 7 -0.79 -14.46 16.83
N ILE B 8 0.31 -13.89 17.32
CA ILE B 8 1.58 -13.93 16.59
C ILE B 8 2.17 -15.32 16.85
N THR B 9 2.00 -16.22 15.88
CA THR B 9 2.39 -17.63 16.00
C THR B 9 3.74 -17.92 15.33
N GLY B 10 4.20 -16.98 14.49
CA GLY B 10 5.46 -17.12 13.77
C GLY B 10 6.18 -15.79 13.66
N TRP B 11 7.50 -15.84 13.71
CA TRP B 11 8.34 -14.65 13.57
C TRP B 11 9.61 -15.03 12.81
N GLY B 12 10.18 -14.07 12.08
CA GLY B 12 11.32 -14.36 11.21
C GLY B 12 11.93 -13.09 10.65
N LYS B 13 13.18 -13.19 10.22
CA LYS B 13 13.92 -12.04 9.72
C LYS B 13 14.78 -12.45 8.52
N CYS B 14 15.24 -11.44 7.79
CA CYS B 14 16.24 -11.63 6.76
C CYS B 14 17.05 -10.36 6.66
N LEU B 15 18.34 -10.48 7.01
CA LEU B 15 19.29 -9.38 6.93
C LEU B 15 20.31 -9.77 5.87
N PRO B 16 20.48 -8.93 4.83
CA PRO B 16 21.51 -9.28 3.85
C PRO B 16 22.93 -9.23 4.47
N PRO B 17 23.86 -10.07 3.96
CA PRO B 17 25.19 -10.21 4.60
C PRO B 17 26.15 -9.01 4.51
N ALA B 18 26.12 -8.28 3.39
CA ALA B 18 27.10 -7.22 3.15
C ALA B 18 26.89 -6.08 4.13
N THR B 19 27.93 -5.75 4.89
CA THR B 19 27.82 -4.83 6.02
C THR B 19 28.58 -3.53 5.77
N LEU B 20 27.88 -2.41 5.89
CA LEU B 20 28.48 -1.09 5.71
C LEU B 20 28.76 -0.52 7.11
N SER B 21 30.02 -0.50 7.52
CA SER B 21 30.39 0.04 8.84
C SER B 21 30.42 1.57 8.82
N ASN B 22 30.48 2.16 10.01
CA ASN B 22 30.68 3.60 10.14
C ASN B 22 32.05 4.00 9.55
N HIS B 23 33.05 3.16 9.78
CA HIS B 23 34.38 3.33 9.17
C HIS B 23 34.33 3.32 7.63
N ASP B 24 33.53 2.43 7.04
CA ASP B 24 33.33 2.40 5.58
C ASP B 24 32.70 3.70 5.06
N LEU B 25 31.73 4.25 5.80
CA LEU B 25 31.13 5.55 5.42
C LEU B 25 32.13 6.71 5.51
N SER B 26 33.06 6.62 6.48
CA SER B 26 34.16 7.60 6.60
C SER B 26 35.11 7.59 5.40
N THR B 27 35.18 6.47 4.68
CA THR B 27 36.03 6.33 3.49
C THR B 27 35.65 7.25 2.32
N PHE B 28 34.37 7.63 2.20
CA PHE B 28 33.91 8.51 1.09
C PHE B 28 33.02 9.71 1.49
N LEU B 29 32.90 9.99 2.79
CA LEU B 29 32.07 11.10 3.31
C LEU B 29 32.77 11.80 4.46
N ASP B 30 32.41 13.06 4.69
CA ASP B 30 32.99 13.82 5.80
C ASP B 30 32.18 13.52 7.09
N THR B 31 32.45 12.35 7.66
CA THR B 31 31.76 11.83 8.84
C THR B 31 32.69 10.91 9.63
N SER B 32 32.23 10.44 10.80
CA SER B 32 33.04 9.57 11.66
C SER B 32 32.20 8.59 12.46
N ASP B 33 32.83 7.48 12.86
CA ASP B 33 32.24 6.55 13.82
C ASP B 33 31.77 7.30 15.07
N GLU B 34 32.63 8.19 15.57
CA GLU B 34 32.34 8.99 16.78
C GLU B 34 31.07 9.83 16.67
N TRP B 35 30.86 10.48 15.52
CA TRP B 35 29.66 11.29 15.34
C TRP B 35 28.43 10.38 15.20
N ILE B 36 28.50 9.42 14.29
CA ILE B 36 27.36 8.58 13.97
C ILE B 36 26.91 7.80 15.22
N GLN B 37 27.87 7.19 15.90
CA GLN B 37 27.56 6.35 17.07
C GLN B 37 26.95 7.15 18.23
N SER B 38 27.51 8.32 18.54
CA SER B 38 27.02 9.14 19.67
C SER B 38 25.68 9.83 19.40
N ARG B 39 25.44 10.27 18.16
CA ARG B 39 24.18 10.94 17.83
C ARG B 39 23.02 9.97 17.56
N THR B 40 23.30 8.86 16.89
CA THR B 40 22.25 7.93 16.42
C THR B 40 22.23 6.55 17.10
N GLY B 41 23.37 6.11 17.63
CA GLY B 41 23.55 4.74 18.11
C GLY B 41 23.92 3.72 17.01
N ILE B 42 23.98 4.14 15.76
CA ILE B 42 24.26 3.23 14.65
C ILE B 42 25.78 2.97 14.55
N GLU B 43 26.15 1.70 14.44
CA GLU B 43 27.55 1.29 14.18
C GLU B 43 27.69 0.61 12.83
N GLN B 44 26.70 -0.20 12.47
CA GLN B 44 26.68 -0.91 11.19
C GLN B 44 25.27 -0.91 10.60
N ARG B 45 25.21 -1.22 9.31
CA ARG B 45 23.96 -1.51 8.63
C ARG B 45 24.23 -2.41 7.43
N ARG B 46 23.18 -3.11 7.00
CA ARG B 46 23.29 -4.07 5.91
C ARG B 46 22.81 -3.45 4.59
N ILE B 47 23.47 -3.87 3.52
CA ILE B 47 23.17 -3.41 2.17
C ILE B 47 22.83 -4.66 1.34
N SER B 48 21.64 -4.66 0.77
CA SER B 48 21.13 -5.82 0.06
C SER B 48 21.76 -5.95 -1.32
N HIS B 49 22.21 -7.17 -1.63
CA HIS B 49 22.53 -7.58 -3.00
C HIS B 49 21.33 -8.10 -3.79
N VAL B 50 20.15 -8.13 -3.18
CA VAL B 50 18.92 -8.65 -3.78
C VAL B 50 17.77 -7.65 -3.67
N ASN B 51 16.71 -7.88 -4.45
CA ASN B 51 15.53 -7.02 -4.42
C ASN B 51 14.75 -7.16 -3.11
N THR B 52 13.96 -6.14 -2.80
CA THR B 52 13.14 -6.09 -1.59
C THR B 52 12.27 -7.35 -1.40
N SER B 53 11.63 -7.82 -2.48
CA SER B 53 10.78 -9.01 -2.43
C SER B 53 11.53 -10.28 -2.00
N ASP B 54 12.83 -10.36 -2.33
CA ASP B 54 13.67 -11.51 -1.93
C ASP B 54 13.93 -11.54 -0.43
N LEU B 55 14.21 -10.37 0.15
CA LEU B 55 14.36 -10.23 1.60
C LEU B 55 13.05 -10.60 2.30
N ALA B 56 11.95 -10.06 1.77
CA ALA B 56 10.61 -10.39 2.27
C ALA B 56 10.31 -11.88 2.32
N THR B 57 10.70 -12.58 1.24
CA THR B 57 10.37 -13.97 1.05
C THR B 57 11.08 -14.83 2.07
N VAL B 58 12.38 -14.58 2.26
CA VAL B 58 13.18 -15.30 3.25
C VAL B 58 12.66 -15.07 4.68
N ALA B 59 12.39 -13.82 5.03
CA ALA B 59 11.80 -13.52 6.33
C ALA B 59 10.49 -14.28 6.51
N ALA B 60 9.66 -14.28 5.46
CA ALA B 60 8.39 -15.03 5.46
C ALA B 60 8.59 -16.53 5.65
N GLN B 61 9.53 -17.11 4.90
CA GLN B 61 9.89 -18.53 5.06
C GLN B 61 10.26 -18.90 6.51
N HIS B 62 11.04 -18.06 7.16
CA HIS B 62 11.41 -18.28 8.57
C HIS B 62 10.18 -18.20 9.48
N ALA B 63 9.33 -17.21 9.27
CA ALA B 63 8.12 -17.03 10.08
C ALA B 63 7.13 -18.17 9.88
N ILE B 64 6.99 -18.64 8.64
CA ILE B 64 6.14 -19.80 8.32
C ILE B 64 6.58 -21.10 9.03
N ALA B 65 7.87 -21.42 9.00
CA ALA B 65 8.39 -22.57 9.76
C ALA B 65 8.23 -22.39 11.27
N CYS B 66 8.46 -21.16 11.72
CA CYS B 66 8.30 -20.84 13.15
C CYS B 66 6.86 -21.12 13.60
N ALA B 67 5.88 -20.78 12.74
CA ALA B 67 4.45 -21.00 13.02
C ALA B 67 3.94 -22.42 12.72
N GLY B 68 4.66 -23.17 11.89
CA GLY B 68 4.20 -24.48 11.43
C GLY B 68 2.93 -24.44 10.58
N VAL B 69 2.70 -23.32 9.90
CA VAL B 69 1.49 -23.15 9.08
C VAL B 69 1.80 -23.58 7.66
N SER B 70 0.86 -24.28 7.02
CA SER B 70 1.01 -24.63 5.61
C SER B 70 0.64 -23.41 4.75
N VAL B 71 1.12 -23.41 3.51
CA VAL B 71 0.84 -22.37 2.53
C VAL B 71 -0.64 -22.31 2.15
N GLU B 72 -1.32 -23.44 2.28
CA GLU B 72 -2.76 -23.54 2.00
C GLU B 72 -3.59 -22.75 3.03
N GLU B 73 -3.06 -22.61 4.25
CA GLU B 73 -3.76 -21.97 5.35
C GLU B 73 -3.61 -20.43 5.38
N ILE B 74 -2.67 -19.90 4.61
CA ILE B 74 -2.43 -18.47 4.57
C ILE B 74 -3.50 -17.80 3.70
N ASP B 75 -4.29 -16.90 4.31
CA ASP B 75 -5.43 -16.24 3.64
C ASP B 75 -5.17 -14.77 3.29
N LEU B 76 -4.07 -14.21 3.79
CA LEU B 76 -3.76 -12.80 3.65
C LEU B 76 -2.26 -12.57 3.72
N ILE B 77 -1.74 -11.78 2.78
CA ILE B 77 -0.34 -11.40 2.72
C ILE B 77 -0.28 -9.88 2.62
N ILE B 78 0.34 -9.22 3.61
CA ILE B 78 0.61 -7.79 3.56
C ILE B 78 2.14 -7.55 3.62
N VAL B 79 2.66 -6.84 2.63
CA VAL B 79 4.06 -6.39 2.65
C VAL B 79 4.05 -4.88 2.92
N ALA B 80 4.52 -4.50 4.10
CA ALA B 80 4.73 -3.11 4.40
C ALA B 80 6.10 -2.72 3.86
N THR B 81 6.09 -1.78 2.91
CA THR B 81 7.34 -1.31 2.27
C THR B 81 7.13 0.03 1.58
N CYS B 82 8.20 0.81 1.46
CA CYS B 82 8.25 2.02 0.63
C CYS B 82 9.35 1.90 -0.44
N SER B 83 9.87 0.68 -0.65
CA SER B 83 10.92 0.43 -1.62
C SER B 83 10.61 -0.83 -2.44
N PRO B 84 9.37 -0.95 -2.93
CA PRO B 84 9.01 -2.16 -3.69
C PRO B 84 9.72 -2.31 -5.02
N ASP B 85 10.05 -3.56 -5.37
CA ASP B 85 10.68 -3.92 -6.67
C ASP B 85 9.97 -3.26 -7.83
N SER B 86 8.64 -3.35 -7.77
CA SER B 86 7.75 -2.88 -8.81
C SER B 86 6.51 -2.27 -8.17
N LEU B 87 5.85 -1.38 -8.92
CA LEU B 87 4.51 -0.90 -8.54
C LEU B 87 3.44 -1.76 -9.19
N ILE B 88 3.77 -2.31 -10.36
CA ILE B 88 2.88 -3.15 -11.14
C ILE B 88 3.58 -4.46 -11.51
N PRO B 89 3.16 -5.60 -10.97
CA PRO B 89 2.20 -5.70 -9.87
C PRO B 89 2.86 -5.32 -8.54
N ASN B 90 2.11 -5.50 -7.46
CA ASN B 90 2.63 -5.33 -6.10
C ASN B 90 3.64 -6.46 -5.79
N ILE B 91 4.44 -6.32 -4.75
CA ILE B 91 5.38 -7.38 -4.36
C ILE B 91 4.87 -8.37 -3.31
N ALA B 92 3.76 -8.07 -2.64
CA ALA B 92 3.06 -9.11 -1.88
C ALA B 92 2.76 -10.32 -2.78
N SER B 93 2.31 -10.06 -4.00
CA SER B 93 2.05 -11.12 -4.99
C SER B 93 3.32 -11.87 -5.44
N ARG B 94 4.48 -11.21 -5.42
CA ARG B 94 5.76 -11.88 -5.71
C ARG B 94 6.11 -12.85 -4.58
N VAL B 95 6.03 -12.38 -3.34
CA VAL B 95 6.19 -13.27 -2.18
C VAL B 95 5.20 -14.44 -2.28
N GLN B 96 3.95 -14.14 -2.62
CA GLN B 96 2.96 -15.19 -2.82
C GLN B 96 3.39 -16.21 -3.89
N GLN B 97 3.85 -15.71 -5.04
CA GLN B 97 4.37 -16.56 -6.12
C GLN B 97 5.55 -17.41 -5.66
N ASN B 98 6.52 -16.79 -4.99
CA ASN B 98 7.73 -17.49 -4.52
C ASN B 98 7.40 -18.67 -3.61
N LEU B 99 6.43 -18.50 -2.71
CA LEU B 99 6.07 -19.53 -1.74
C LEU B 99 4.94 -20.47 -2.15
N GLY B 100 4.36 -20.28 -3.34
CA GLY B 100 3.27 -21.14 -3.82
C GLY B 100 2.02 -21.06 -2.94
N ILE B 101 1.74 -19.88 -2.38
CA ILE B 101 0.53 -19.69 -1.57
C ILE B 101 -0.61 -19.48 -2.58
N PRO B 102 -1.61 -20.39 -2.62
CA PRO B 102 -2.72 -20.12 -3.52
C PRO B 102 -3.70 -19.12 -2.89
N SER B 103 -4.39 -18.35 -3.71
CA SER B 103 -5.65 -17.68 -3.30
C SER B 103 -5.58 -16.44 -2.42
N ALA B 104 -4.59 -16.34 -1.54
CA ALA B 104 -4.58 -15.31 -0.48
C ALA B 104 -4.71 -13.90 -1.02
N ALA B 105 -5.40 -13.04 -0.28
CA ALA B 105 -5.38 -11.62 -0.58
C ALA B 105 -3.94 -11.20 -0.40
N ALA B 106 -3.46 -10.34 -1.28
CA ALA B 106 -2.06 -9.92 -1.25
C ALA B 106 -1.94 -8.48 -1.66
N PHE B 107 -1.49 -7.63 -0.74
CA PHE B 107 -1.26 -6.21 -1.07
C PHE B 107 -0.05 -5.58 -0.40
N ASP B 108 0.46 -4.53 -1.02
CA ASP B 108 1.50 -3.71 -0.41
C ASP B 108 0.85 -2.54 0.30
N LEU B 109 1.42 -2.22 1.46
CA LEU B 109 0.92 -1.18 2.34
C LEU B 109 2.07 -0.22 2.51
N ASN B 110 1.84 1.06 2.20
CA ASN B 110 2.87 2.07 2.40
C ASN B 110 2.44 3.11 3.43
N ALA B 111 3.05 3.00 4.62
CA ALA B 111 3.03 4.03 5.65
C ALA B 111 4.43 4.27 6.21
N ALA B 112 5.45 4.15 5.35
CA ALA B 112 6.86 4.31 5.72
C ALA B 112 7.18 3.40 6.93
N ALA B 113 8.02 3.85 7.86
CA ALA B 113 8.46 2.99 8.96
C ALA B 113 7.34 2.48 9.87
N THR B 114 6.23 3.21 9.94
CA THR B 114 5.05 2.78 10.70
C THR B 114 4.26 1.67 9.99
N GLY B 115 4.64 1.33 8.75
CA GLY B 115 3.90 0.37 7.93
C GLY B 115 3.73 -1.02 8.49
N PHE B 116 4.70 -1.52 9.24
CA PHE B 116 4.52 -2.83 9.84
C PHE B 116 3.42 -2.79 10.91
N LEU B 117 3.48 -1.81 11.78
CA LEU B 117 2.40 -1.59 12.76
C LEU B 117 1.04 -1.39 12.08
N TYR B 118 0.99 -0.58 11.03
CA TYR B 118 -0.23 -0.45 10.21
C TYR B 118 -0.69 -1.82 9.67
N GLY B 119 0.27 -2.60 9.17
CA GLY B 119 0.02 -3.95 8.65
C GLY B 119 -0.50 -4.89 9.74
N LEU B 120 0.09 -4.82 10.93
CA LEU B 120 -0.35 -5.67 12.04
C LEU B 120 -1.77 -5.30 12.48
N GLU B 121 -2.02 -4.00 12.56
CA GLU B 121 -3.34 -3.49 12.88
C GLU B 121 -4.35 -3.95 11.83
N THR B 122 -4.01 -3.74 10.55
CA THR B 122 -4.90 -4.08 9.45
C THR B 122 -5.22 -5.57 9.40
N ALA B 123 -4.19 -6.43 9.48
CA ALA B 123 -4.41 -7.88 9.44
C ALA B 123 -5.20 -8.35 10.64
N THR B 124 -4.89 -7.79 11.82
CA THR B 124 -5.61 -8.19 13.03
C THR B 124 -7.11 -7.86 12.90
N ARG B 125 -7.45 -6.68 12.41
CA ARG B 125 -8.89 -6.32 12.31
C ARG B 125 -9.59 -7.08 11.18
N LEU B 126 -8.88 -7.31 10.07
CA LEU B 126 -9.43 -8.17 9.01
C LEU B 126 -9.81 -9.51 9.58
N MET B 127 -8.88 -10.08 10.37
CA MET B 127 -9.10 -11.41 10.92
C MET B 127 -10.20 -11.42 11.97
N GLN B 128 -10.30 -10.36 12.76
CA GLN B 128 -11.34 -10.30 13.80
C GLN B 128 -12.74 -10.13 13.25
N ALA B 129 -12.86 -9.36 12.19
CA ALA B 129 -14.15 -9.01 11.58
C ALA B 129 -14.57 -9.92 10.41
N SER B 130 -13.65 -10.68 9.81
CA SER B 130 -13.99 -11.51 8.68
C SER B 130 -13.23 -12.84 8.66
N HIS B 131 -13.22 -13.52 7.51
CA HIS B 131 -12.79 -14.93 7.38
C HIS B 131 -11.37 -14.98 6.78
N TYR B 132 -10.41 -14.62 7.62
CA TYR B 132 -8.99 -14.83 7.35
C TYR B 132 -8.50 -15.65 8.55
N ARG B 133 -8.07 -16.88 8.28
CA ARG B 133 -7.62 -17.82 9.32
C ARG B 133 -6.21 -17.52 9.79
N HIS B 134 -5.32 -17.26 8.83
CA HIS B 134 -3.91 -16.95 9.09
C HIS B 134 -3.45 -15.88 8.13
N ALA B 135 -2.52 -15.04 8.60
CA ALA B 135 -1.97 -13.94 7.82
C ALA B 135 -0.46 -13.90 7.92
N LEU B 136 0.15 -13.40 6.86
CA LEU B 136 1.57 -13.16 6.80
C LEU B 136 1.72 -11.65 6.65
N VAL B 137 2.37 -11.01 7.62
CA VAL B 137 2.63 -9.56 7.60
C VAL B 137 4.14 -9.34 7.66
N ILE B 138 4.66 -8.64 6.64
CA ILE B 138 6.09 -8.51 6.39
C ILE B 138 6.45 -7.03 6.28
N GLY B 139 7.46 -6.58 7.03
CA GLY B 139 8.04 -5.26 6.82
C GLY B 139 9.36 -5.52 6.11
N ALA B 140 9.51 -5.02 4.88
CA ALA B 140 10.69 -5.31 4.03
C ALA B 140 11.13 -4.07 3.26
N GLU B 141 12.43 -3.80 3.26
CA GLU B 141 12.96 -2.58 2.64
C GLU B 141 14.36 -2.75 2.05
N ARG B 142 14.60 -2.07 0.92
CA ARG B 142 15.94 -1.88 0.36
C ARG B 142 16.08 -0.37 0.23
N LEU B 143 16.24 0.28 1.39
CA LEU B 143 16.36 1.73 1.47
C LEU B 143 17.64 2.25 0.76
N SER B 144 18.67 1.42 0.68
CA SER B 144 19.91 1.79 -0.03
C SER B 144 19.69 2.26 -1.49
N PHE B 145 18.61 1.80 -2.13
CA PHE B 145 18.16 2.31 -3.43
C PHE B 145 18.07 3.85 -3.53
N TYR B 146 17.60 4.46 -2.43
CA TYR B 146 17.17 5.85 -2.41
C TYR B 146 18.23 6.87 -2.03
N LEU B 147 19.30 6.41 -1.41
CA LEU B 147 20.17 7.31 -0.67
C LEU B 147 21.02 8.20 -1.59
N ASP B 148 21.31 9.40 -1.08
CA ASP B 148 22.20 10.34 -1.74
C ASP B 148 23.57 10.18 -1.10
N TRP B 149 24.47 9.52 -1.82
CA TRP B 149 25.79 9.18 -1.29
C TRP B 149 26.77 10.37 -1.15
N THR B 150 26.36 11.57 -1.54
CA THR B 150 27.08 12.82 -1.19
C THR B 150 26.61 13.46 0.13
N LYS B 151 25.36 13.18 0.52
CA LYS B 151 24.72 13.81 1.69
C LYS B 151 24.85 12.95 2.93
N ARG B 152 25.77 13.32 3.82
CA ARG B 152 26.05 12.57 5.05
C ARG B 152 24.89 12.52 6.07
N ASP B 153 23.99 13.51 6.03
CA ASP B 153 22.90 13.58 7.04
C ASP B 153 21.98 12.36 6.99
N THR B 154 21.69 11.89 5.78
CA THR B 154 20.85 10.72 5.53
C THR B 154 21.62 9.46 5.14
N ALA B 155 22.78 9.61 4.50
CA ALA B 155 23.53 8.45 3.99
C ALA B 155 23.94 7.46 5.08
N VAL B 156 24.15 7.98 6.30
CA VAL B 156 24.57 7.17 7.46
C VAL B 156 23.42 6.54 8.30
N LEU B 157 22.15 6.84 7.97
CA LEU B 157 21.02 6.47 8.85
C LEU B 157 20.27 5.18 8.51
N PHE B 158 20.32 4.78 7.23
CA PHE B 158 19.40 3.76 6.73
C PHE B 158 20.12 2.51 6.24
N GLY B 159 19.42 1.38 6.37
CA GLY B 159 19.88 0.10 5.86
C GLY B 159 18.74 -0.70 5.27
N ASP B 160 19.05 -1.95 4.95
CA ASP B 160 18.18 -2.85 4.24
C ASP B 160 17.90 -4.06 5.14
N GLY B 161 16.71 -4.63 4.99
CA GLY B 161 16.37 -5.86 5.70
C GLY B 161 14.89 -6.13 5.63
N ALA B 162 14.48 -7.23 6.26
CA ALA B 162 13.06 -7.55 6.36
C ALA B 162 12.78 -8.37 7.62
N GLY B 163 11.55 -8.20 8.13
CA GLY B 163 11.00 -9.01 9.21
C GLY B 163 9.59 -9.43 8.89
N ALA B 164 9.18 -10.57 9.41
CA ALA B 164 7.84 -11.10 9.16
C ALA B 164 7.24 -11.69 10.44
N VAL B 165 5.91 -11.64 10.50
CA VAL B 165 5.17 -12.45 11.44
C VAL B 165 4.11 -13.26 10.70
N VAL B 166 3.71 -14.34 11.34
CA VAL B 166 2.52 -15.07 10.96
C VAL B 166 1.53 -14.86 12.10
N LEU B 167 0.27 -14.60 11.74
CA LEU B 167 -0.82 -14.46 12.68
C LEU B 167 -1.78 -15.63 12.53
N SER B 168 -2.33 -16.10 13.65
CA SER B 168 -3.29 -17.19 13.61
C SER B 168 -4.47 -16.84 14.46
N LYS B 169 -5.65 -17.01 13.89
CA LYS B 169 -6.90 -16.67 14.54
C LYS B 169 -7.12 -17.57 15.75
N THR B 170 -7.52 -16.97 16.86
CA THR B 170 -7.75 -17.69 18.11
C THR B 170 -8.81 -17.00 18.98
N GLU B 171 -9.40 -17.78 19.87
CA GLU B 171 -10.29 -17.27 20.91
C GLU B 171 -9.53 -16.66 22.10
N GLN B 172 -8.26 -17.05 22.28
CA GLN B 172 -7.43 -16.57 23.38
C GLN B 172 -7.09 -15.08 23.19
N LYS B 173 -7.05 -14.36 24.30
CA LYS B 173 -6.84 -12.91 24.27
C LYS B 173 -5.36 -12.58 24.18
N VAL B 174 -4.84 -12.74 22.96
CA VAL B 174 -3.41 -12.65 22.69
C VAL B 174 -3.23 -11.88 21.37
N GLY B 175 -1.99 -11.58 21.02
CA GLY B 175 -1.70 -10.75 19.87
C GLY B 175 -2.04 -9.30 20.17
N LEU B 176 -2.17 -8.52 19.10
CA LEU B 176 -2.45 -7.10 19.18
C LEU B 176 -3.80 -6.90 19.82
N GLN B 177 -3.80 -6.11 20.88
CA GLN B 177 -4.98 -5.71 21.62
C GLN B 177 -5.39 -4.33 21.09
N ASP B 178 -5.37 -3.25 21.90
CA ASP B 178 -5.56 -1.92 21.32
C ASP B 178 -4.31 -1.42 20.54
N ALA B 179 -4.59 -0.68 19.48
CA ALA B 179 -3.60 0.06 18.74
C ALA B 179 -4.16 1.43 18.42
N GLN B 180 -3.25 2.38 18.25
CA GLN B 180 -3.61 3.70 17.83
C GLN B 180 -2.64 4.10 16.76
N ILE B 181 -3.12 4.17 15.53
CA ILE B 181 -2.27 4.61 14.42
C ILE B 181 -2.81 5.90 13.85
N GLY B 182 -1.93 6.69 13.26
CA GLY B 182 -2.34 8.02 12.79
C GLY B 182 -1.32 8.61 11.88
N CYS B 183 -1.52 9.88 11.57
CA CYS B 183 -0.55 10.60 10.74
C CYS B 183 -0.64 12.09 11.02
N ASP B 184 0.55 12.71 11.12
CA ASP B 184 0.74 14.14 11.34
C ASP B 184 1.18 14.69 10.00
N ALA B 185 0.20 15.03 9.17
CA ALA B 185 0.43 15.44 7.79
C ALA B 185 1.11 16.81 7.66
N GLN B 186 1.09 17.63 8.72
CA GLN B 186 1.94 18.84 8.78
C GLN B 186 3.44 18.54 8.87
N GLY B 187 3.81 17.30 9.20
CA GLY B 187 5.20 16.86 9.06
C GLY B 187 5.53 16.17 7.75
N ARG B 188 4.67 16.29 6.76
CA ARG B 188 4.87 15.55 5.52
C ARG B 188 6.15 15.96 4.78
N ASP B 189 6.48 17.25 4.78
CA ASP B 189 7.59 17.75 3.94
C ASP B 189 8.98 17.64 4.58
N ILE B 190 9.02 17.40 5.89
CA ILE B 190 10.30 17.31 6.61
C ILE B 190 11.05 16.00 6.40
N LEU B 191 10.43 15.01 5.75
CA LEU B 191 11.06 13.73 5.50
C LEU B 191 10.43 13.15 4.25
N ALA B 192 11.16 13.14 3.15
CA ALA B 192 10.55 13.01 1.82
C ALA B 192 11.56 12.82 0.69
N VAL B 193 11.19 12.02 -0.30
CA VAL B 193 11.89 11.93 -1.58
C VAL B 193 10.84 12.24 -2.64
N PRO B 194 10.51 13.54 -2.83
CA PRO B 194 9.36 13.85 -3.69
C PRO B 194 9.47 13.42 -5.16
N LYS B 195 10.68 13.19 -5.67
CA LYS B 195 10.88 12.91 -7.10
C LYS B 195 11.30 11.46 -7.40
N PHE B 196 10.84 10.51 -6.59
CA PHE B 196 10.76 9.15 -7.06
C PHE B 196 9.33 8.67 -6.91
N GLY B 197 8.75 8.32 -8.05
CA GLY B 197 7.33 8.00 -8.17
C GLY B 197 6.86 8.63 -9.45
N THR B 198 5.55 8.76 -9.61
CA THR B 198 5.00 9.26 -10.85
C THR B 198 5.07 10.80 -10.98
N ALA B 199 5.48 11.46 -9.89
CA ALA B 199 5.85 12.88 -9.93
C ALA B 199 7.19 13.15 -10.64
N MET B 200 8.02 12.14 -10.85
CA MET B 200 9.31 12.32 -11.54
C MET B 200 9.10 12.42 -13.05
N ASP B 201 10.05 13.08 -13.72
CA ASP B 201 10.11 13.13 -15.18
C ASP B 201 10.78 11.84 -15.66
N ARG B 202 9.97 10.96 -16.22
CA ARG B 202 10.39 9.65 -16.74
C ARG B 202 11.52 9.69 -17.78
N PHE B 203 11.60 10.76 -18.56
CA PHE B 203 12.57 10.84 -19.67
C PHE B 203 13.72 11.81 -19.46
N ASP B 204 13.78 12.47 -18.29
CA ASP B 204 14.93 13.28 -17.92
C ASP B 204 16.08 12.36 -17.48
N ALA B 205 17.24 12.55 -18.10
CA ALA B 205 18.44 11.76 -17.83
C ALA B 205 19.07 12.06 -16.47
N ASP B 206 18.76 13.21 -15.87
CA ASP B 206 19.16 13.52 -14.48
C ASP B 206 18.11 13.11 -13.42
N ASN B 207 17.06 12.39 -13.79
CA ASN B 207 15.98 12.05 -12.84
C ASN B 207 16.43 11.16 -11.64
N GLY B 208 17.56 10.47 -11.78
CA GLY B 208 18.16 9.68 -10.72
C GLY B 208 18.81 10.44 -9.55
N TYR B 209 19.05 11.74 -9.72
CA TYR B 209 19.75 12.54 -8.72
C TYR B 209 18.72 13.35 -7.93
N TRP B 210 17.85 12.63 -7.21
CA TRP B 210 16.77 13.24 -6.44
C TRP B 210 17.24 13.72 -5.08
N ALA B 211 16.56 14.74 -4.57
CA ALA B 211 16.77 15.22 -3.19
C ALA B 211 16.10 14.27 -2.20
N PHE B 212 16.82 13.95 -1.13
CA PHE B 212 16.26 13.35 0.06
C PHE B 212 16.13 14.48 1.10
N ASP B 213 14.94 15.06 1.21
CA ASP B 213 14.67 16.12 2.19
C ASP B 213 14.58 15.52 3.60
N PHE B 214 15.26 16.15 4.56
CA PHE B 214 15.38 15.61 5.92
C PHE B 214 15.68 16.72 6.93
N VAL B 215 14.73 17.01 7.83
CA VAL B 215 14.93 18.03 8.88
C VAL B 215 14.89 17.31 10.24
N GLY B 216 16.07 16.85 10.66
CA GLY B 216 16.24 15.96 11.80
C GLY B 216 15.59 16.42 13.08
N LYS B 217 15.78 17.69 13.42
CA LYS B 217 15.24 18.25 14.67
C LYS B 217 13.71 18.25 14.67
N GLU B 218 13.14 18.61 13.52
CA GLU B 218 11.70 18.65 13.36
C GLU B 218 11.09 17.24 13.37
N ILE B 219 11.78 16.28 12.77
CA ILE B 219 11.36 14.87 12.77
C ILE B 219 11.34 14.34 14.19
N PHE B 220 12.45 14.53 14.89
CA PHE B 220 12.60 14.12 16.30
C PHE B 220 11.39 14.58 17.10
N LYS B 221 11.09 15.88 17.03
CA LYS B 221 10.02 16.50 17.82
C LYS B 221 8.62 15.93 17.48
N ARG B 222 8.31 15.87 16.19
CA ARG B 222 7.02 15.34 15.76
C ARG B 222 6.86 13.85 16.05
N ALA B 223 7.98 13.11 15.91
CA ALA B 223 8.01 11.68 16.23
C ALA B 223 7.73 11.42 17.70
N VAL B 224 8.43 12.13 18.59
CA VAL B 224 8.26 11.95 20.04
C VAL B 224 6.80 12.25 20.45
N ARG B 225 6.27 13.36 19.96
CA ARG B 225 4.87 13.75 20.21
C ARG B 225 3.87 12.69 19.66
N GLY B 226 4.05 12.32 18.41
CA GLY B 226 3.20 11.34 17.73
C GLY B 226 3.16 9.99 18.44
N MET B 227 4.32 9.38 18.59
CA MET B 227 4.45 8.09 19.29
C MET B 227 3.98 8.16 20.74
N GLY B 228 4.40 9.22 21.45
CA GLY B 228 4.08 9.41 22.85
C GLY B 228 2.58 9.46 23.08
N ALA B 229 1.89 10.32 22.33
CA ALA B 229 0.44 10.42 22.50
C ALA B 229 -0.25 9.11 22.10
N ALA B 230 0.25 8.43 21.07
CA ALA B 230 -0.34 7.15 20.65
C ALA B 230 -0.16 6.09 21.76
N ALA B 231 1.03 6.01 22.32
CA ALA B 231 1.31 5.08 23.40
C ALA B 231 0.41 5.37 24.62
N GLN B 232 0.24 6.63 24.99
CA GLN B 232 -0.69 7.02 26.07
C GLN B 232 -2.14 6.60 25.84
N GLN B 233 -2.66 6.81 24.63
CA GLN B 233 -4.00 6.37 24.27
C GLN B 233 -4.14 4.86 24.38
N VAL B 234 -3.13 4.13 23.91
CA VAL B 234 -3.16 2.67 24.02
C VAL B 234 -3.20 2.25 25.48
N LEU B 235 -2.29 2.77 26.30
CA LEU B 235 -2.26 2.38 27.72
C LEU B 235 -3.57 2.79 28.45
N ALA B 236 -3.99 4.03 28.27
CA ALA B 236 -5.22 4.56 28.91
C ALA B 236 -6.46 3.75 28.58
N ARG B 237 -6.70 3.52 27.29
CA ARG B 237 -7.87 2.75 26.83
C ARG B 237 -7.87 1.29 27.32
N SER B 238 -6.68 0.72 27.51
CA SER B 238 -6.53 -0.68 27.89
C SER B 238 -6.52 -0.94 29.41
N GLY B 239 -6.54 0.13 30.22
CA GLY B 239 -6.52 0.00 31.69
C GLY B 239 -5.19 -0.48 32.25
N LEU B 240 -4.12 -0.42 31.46
CA LEU B 240 -2.79 -0.82 31.88
C LEU B 240 -2.11 0.32 32.62
N SER B 241 -1.47 0.03 33.74
CA SER B 241 -0.46 0.93 34.31
C SER B 241 0.83 0.71 33.53
N THR B 242 1.74 1.67 33.59
CA THR B 242 2.96 1.65 32.77
C THR B 242 3.94 0.58 33.26
N GLU B 243 3.97 0.35 34.57
CA GLU B 243 4.78 -0.71 35.19
C GLU B 243 4.43 -2.10 34.64
N GLU B 244 3.18 -2.30 34.20
CA GLU B 244 2.76 -3.58 33.61
C GLU B 244 3.32 -3.86 32.21
N ILE B 245 3.83 -2.85 31.53
CA ILE B 245 4.52 -3.06 30.25
C ILE B 245 5.86 -3.77 30.53
N ASP B 246 6.06 -4.94 29.89
CA ASP B 246 7.26 -5.74 30.13
C ASP B 246 8.34 -5.46 29.12
N VAL B 247 7.98 -5.20 27.86
CA VAL B 247 8.96 -5.01 26.80
C VAL B 247 8.42 -3.93 25.87
N VAL B 248 9.31 -3.06 25.43
CA VAL B 248 9.01 -2.09 24.39
C VAL B 248 9.73 -2.53 23.12
N ILE B 249 9.00 -2.65 22.02
CA ILE B 249 9.57 -2.94 20.69
C ILE B 249 9.40 -1.68 19.84
N PRO B 250 10.42 -0.81 19.82
CA PRO B 250 10.28 0.46 19.13
C PRO B 250 10.88 0.45 17.74
N HIS B 251 10.40 1.36 16.90
CA HIS B 251 11.08 1.69 15.65
C HIS B 251 12.54 2.14 15.95
N GLN B 252 13.47 1.73 15.10
CA GLN B 252 14.90 1.88 15.31
C GLN B 252 15.42 2.97 14.39
N ALA B 253 14.98 4.20 14.65
CA ALA B 253 15.35 5.38 13.86
C ALA B 253 16.55 6.08 14.46
N ASN B 254 16.53 6.20 15.78
CA ASN B 254 17.52 6.97 16.49
C ASN B 254 17.41 6.51 17.96
N ILE B 255 18.54 6.15 18.56
CA ILE B 255 18.53 5.66 19.95
C ILE B 255 18.00 6.72 20.95
N ARG B 256 18.29 7.99 20.68
CA ARG B 256 17.78 9.09 21.52
C ARG B 256 16.24 9.23 21.50
N ILE B 257 15.63 8.97 20.34
CA ILE B 257 14.16 8.97 20.24
C ILE B 257 13.54 7.86 21.11
N ILE B 258 14.13 6.67 21.05
CA ILE B 258 13.69 5.54 21.88
C ILE B 258 13.77 5.91 23.36
N GLN B 259 14.91 6.48 23.76
CA GLN B 259 15.14 6.88 25.15
C GLN B 259 14.20 7.98 25.64
N THR B 260 13.91 8.93 24.76
CA THR B 260 13.00 10.02 25.08
C THR B 260 11.56 9.51 25.21
N LEU B 261 11.13 8.67 24.27
CA LEU B 261 9.83 8.01 24.36
C LEU B 261 9.64 7.33 25.71
N CYS B 262 10.60 6.49 26.08
CA CYS B 262 10.53 5.77 27.36
C CYS B 262 10.57 6.74 28.54
N ASP B 263 11.46 7.73 28.48
CA ASP B 263 11.57 8.70 29.56
C ASP B 263 10.28 9.49 29.78
N LEU B 264 9.69 10.04 28.72
CA LEU B 264 8.47 10.83 28.88
C LEU B 264 7.28 9.97 29.35
N ALA B 265 7.22 8.71 28.92
CA ALA B 265 6.17 7.78 29.34
C ALA B 265 6.37 7.17 30.76
N GLY B 266 7.56 7.32 31.33
CA GLY B 266 7.89 6.72 32.62
C GLY B 266 8.08 5.21 32.54
N ILE B 267 8.57 4.73 31.39
CA ILE B 267 8.92 3.34 31.21
C ILE B 267 10.43 3.20 31.40
N ALA B 268 10.85 2.19 32.14
CA ALA B 268 12.27 1.92 32.39
C ALA B 268 13.02 1.69 31.07
N GLN B 269 14.19 2.32 30.93
CA GLN B 269 14.96 2.32 29.69
C GLN B 269 15.36 0.93 29.25
N ASP B 270 15.67 0.06 30.23
CA ASP B 270 16.08 -1.32 29.91
C ASP B 270 14.95 -2.23 29.39
N LYS B 271 13.71 -1.74 29.33
CA LYS B 271 12.62 -2.51 28.72
C LYS B 271 12.59 -2.41 27.20
N ALA B 272 13.24 -1.40 26.62
CA ALA B 272 13.28 -1.22 25.18
C ALA B 272 14.29 -2.15 24.54
N PHE B 273 13.87 -2.90 23.52
CA PHE B 273 14.80 -3.71 22.73
C PHE B 273 15.41 -2.83 21.65
N VAL B 274 16.74 -2.81 21.58
CA VAL B 274 17.47 -1.96 20.66
C VAL B 274 18.42 -2.84 19.88
N ASN B 275 18.31 -2.81 18.55
CA ASN B 275 19.31 -3.45 17.67
C ASN B 275 19.78 -2.50 16.57
N ILE B 276 19.55 -1.20 16.75
CA ILE B 276 19.86 -0.19 15.75
C ILE B 276 21.35 -0.14 15.46
N HIS B 277 22.17 -0.45 16.45
CA HIS B 277 23.61 -0.50 16.28
C HIS B 277 24.09 -1.49 15.21
N ARG B 278 23.30 -2.55 14.99
CA ARG B 278 23.64 -3.60 14.03
C ARG B 278 23.12 -3.33 12.60
N TYR B 279 21.93 -2.76 12.50
CA TYR B 279 21.20 -2.68 11.24
C TYR B 279 20.81 -1.27 10.76
N GLY B 280 20.91 -0.26 11.63
CA GLY B 280 20.42 1.08 11.33
C GLY B 280 18.89 1.12 11.21
N ASN B 281 18.40 2.17 10.58
CA ASN B 281 16.98 2.33 10.29
C ASN B 281 16.61 1.57 9.00
N THR B 282 15.92 0.45 9.17
CA THR B 282 15.38 -0.36 8.06
C THR B 282 13.89 -0.07 7.77
N SER B 283 13.45 1.14 8.15
CA SER B 283 12.06 1.58 7.98
C SER B 283 11.01 0.52 8.41
N ALA B 284 10.12 0.07 7.51
CA ALA B 284 9.08 -0.88 7.92
C ALA B 284 9.59 -2.18 8.53
N ALA B 285 10.84 -2.55 8.26
CA ALA B 285 11.40 -3.78 8.83
C ALA B 285 11.86 -3.68 10.28
N THR B 286 12.02 -2.47 10.84
CA THR B 286 12.62 -2.33 12.16
C THR B 286 11.89 -3.10 13.25
N VAL B 287 10.58 -2.91 13.34
CA VAL B 287 9.77 -3.53 14.39
C VAL B 287 9.76 -5.06 14.30
N PRO B 288 9.45 -5.62 13.10
CA PRO B 288 9.40 -7.09 13.08
C PRO B 288 10.77 -7.77 13.27
N ILE B 289 11.84 -7.14 12.80
CA ILE B 289 13.18 -7.66 13.07
C ILE B 289 13.51 -7.60 14.59
N ALA B 290 13.22 -6.46 15.22
CA ALA B 290 13.40 -6.31 16.67
C ALA B 290 12.52 -7.28 17.48
N LEU B 291 11.27 -7.48 17.06
CA LEU B 291 10.42 -8.49 17.71
C LEU B 291 11.02 -9.91 17.59
N CYS B 292 11.40 -10.26 16.37
CA CYS B 292 12.02 -11.55 16.09
C CYS B 292 13.25 -11.77 16.96
N GLU B 293 14.14 -10.78 17.01
CA GLU B 293 15.36 -10.90 17.80
C GLU B 293 15.11 -10.85 19.30
N ALA B 294 14.16 -10.03 19.76
CA ALA B 294 13.74 -10.06 21.17
C ALA B 294 13.35 -11.49 21.57
N LEU B 295 12.57 -12.15 20.74
CA LEU B 295 12.17 -13.52 20.98
C LEU B 295 13.36 -14.48 21.00
N GLU B 296 14.22 -14.36 19.99
CA GLU B 296 15.44 -15.16 19.87
C GLU B 296 16.36 -15.07 21.10
N GLN B 297 16.44 -13.88 21.69
CA GLN B 297 17.37 -13.62 22.78
C GLN B 297 16.72 -13.71 24.15
N GLY B 298 15.54 -14.34 24.26
CA GLY B 298 14.91 -14.54 25.57
C GLY B 298 14.40 -13.28 26.26
N LYS B 299 14.14 -12.21 25.49
CA LYS B 299 13.69 -10.93 26.06
C LYS B 299 12.18 -10.91 26.34
N ILE B 300 11.44 -11.85 25.75
CA ILE B 300 9.98 -11.91 25.87
C ILE B 300 9.58 -13.23 26.53
N LYS B 301 8.77 -13.12 27.57
CA LYS B 301 8.23 -14.28 28.28
C LYS B 301 6.80 -14.53 27.86
N PRO B 302 6.33 -15.78 27.99
CA PRO B 302 4.90 -16.06 27.85
C PRO B 302 4.05 -15.12 28.70
N HIS B 303 2.93 -14.64 28.14
CA HIS B 303 2.04 -13.69 28.83
C HIS B 303 2.54 -12.27 29.05
N ASP B 304 3.69 -11.89 28.49
CA ASP B 304 4.19 -10.51 28.62
C ASP B 304 3.28 -9.55 27.89
N ASP B 305 3.26 -8.30 28.36
CA ASP B 305 2.67 -7.20 27.65
C ASP B 305 3.76 -6.43 26.94
N LEU B 306 3.60 -6.28 25.62
CA LEU B 306 4.53 -5.53 24.78
C LEU B 306 3.87 -4.22 24.37
N LEU B 307 4.68 -3.16 24.31
CA LEU B 307 4.29 -1.92 23.69
C LEU B 307 5.15 -1.75 22.42
N VAL B 308 4.48 -1.67 21.26
CA VAL B 308 5.10 -1.37 19.99
C VAL B 308 4.84 0.10 19.69
N ALA B 309 5.85 0.79 19.17
CA ALA B 309 5.72 2.22 18.86
C ALA B 309 6.56 2.56 17.65
N ALA B 310 6.00 3.35 16.75
CA ALA B 310 6.68 3.66 15.51
C ALA B 310 6.19 4.97 14.91
N PHE B 311 7.03 5.48 14.00
CA PHE B 311 6.74 6.67 13.23
C PHE B 311 7.50 6.55 11.92
N GLY B 312 7.10 7.38 10.96
CA GLY B 312 7.82 7.43 9.69
C GLY B 312 7.38 8.59 8.83
N ALA B 313 7.90 8.64 7.61
CA ALA B 313 7.50 9.68 6.64
C ALA B 313 5.98 9.74 6.46
N GLY B 314 5.44 10.94 6.43
CA GLY B 314 3.99 11.14 6.43
C GLY B 314 3.51 12.43 7.06
N LEU B 315 3.81 12.70 8.34
CA LEU B 315 4.56 11.82 9.25
C LEU B 315 3.66 10.79 9.93
N THR B 316 3.74 9.53 9.51
CA THR B 316 2.91 8.49 10.11
C THR B 316 3.40 8.19 11.53
N TRP B 317 2.47 7.73 12.37
CA TRP B 317 2.79 7.33 13.73
C TRP B 317 1.86 6.26 14.23
N GLY B 318 2.29 5.57 15.27
CA GLY B 318 1.44 4.61 15.93
C GLY B 318 2.03 3.93 17.14
N ALA B 319 1.15 3.31 17.91
CA ALA B 319 1.54 2.43 19.00
C ALA B 319 0.53 1.31 19.09
N GLY B 320 0.96 0.19 19.66
CA GLY B 320 0.03 -0.86 20.02
C GLY B 320 0.48 -1.69 21.18
N HIS B 321 -0.50 -2.38 21.78
CA HIS B 321 -0.27 -3.29 22.89
C HIS B 321 -0.47 -4.69 22.38
N ILE B 322 0.56 -5.53 22.54
CA ILE B 322 0.48 -6.96 22.25
C ILE B 322 0.53 -7.73 23.56
N ARG B 323 -0.42 -8.64 23.76
CA ARG B 323 -0.40 -9.58 24.85
C ARG B 323 0.12 -10.90 24.29
N TRP B 324 1.27 -11.35 24.80
CA TRP B 324 1.89 -12.57 24.28
C TRP B 324 1.14 -13.76 24.83
N GLY B 325 1.07 -14.83 24.05
CA GLY B 325 0.46 -16.09 24.52
C GLY B 325 1.47 -17.03 25.15
N GLU B 326 1.34 -18.31 24.86
CA GLU B 326 2.07 -19.37 25.58
C GLU B 326 3.48 -19.63 25.05
N ARG B 327 3.64 -19.54 23.74
CA ARG B 327 4.85 -20.04 23.06
C ARG B 327 5.81 -18.92 22.63
N ILE B 328 7.08 -19.05 23.01
CA ILE B 328 8.12 -18.10 22.56
C ILE B 328 9.22 -18.79 21.78
N THR B 329 8.97 -20.03 21.38
CA THR B 329 9.95 -20.89 20.74
C THR B 329 9.38 -21.29 19.37
N PRO B 330 10.21 -21.31 18.33
CA PRO B 330 9.67 -21.72 17.04
C PRO B 330 9.24 -23.17 17.00
N LEU B 331 8.20 -23.48 16.22
CA LEU B 331 7.83 -24.87 15.98
C LEU B 331 8.87 -25.58 15.10
N GLY B 332 9.30 -24.92 14.03
CA GLY B 332 10.34 -25.47 13.17
C GLY B 332 11.27 -24.39 12.66
N LYS B 333 12.40 -24.83 12.13
CA LYS B 333 13.38 -23.94 11.51
C LYS B 333 13.32 -24.06 9.99
N SER B 334 13.79 -23.02 9.31
CA SER B 334 13.88 -23.01 7.86
C SER B 334 15.36 -22.95 7.51
N ASP B 335 15.73 -23.69 6.46
CA ASP B 335 17.04 -23.56 5.83
C ASP B 335 17.10 -22.43 4.76
N ALA B 336 16.02 -21.66 4.61
CA ALA B 336 15.97 -20.61 3.59
C ALA B 336 17.05 -19.55 3.80
N GLN B 337 17.67 -19.17 2.70
CA GLN B 337 18.76 -18.19 2.70
C GLN B 337 18.76 -17.43 1.39
N LEU B 338 19.34 -16.24 1.43
CA LEU B 338 19.64 -15.47 0.23
C LEU B 338 20.76 -16.16 -0.55
N PRO B 339 20.78 -16.00 -1.89
CA PRO B 339 21.97 -16.42 -2.67
C PRO B 339 23.24 -15.82 -2.07
N SER B 340 24.34 -16.60 -2.08
CA SER B 340 25.60 -16.14 -1.47
C SER B 340 26.16 -14.93 -2.22
N CYS B 341 26.87 -14.06 -1.49
CA CYS B 341 27.50 -12.88 -2.07
C CYS B 341 28.81 -12.57 -1.35
N ASP B 342 29.91 -12.61 -2.09
CA ASP B 342 31.25 -12.35 -1.54
C ASP B 342 31.68 -10.88 -1.67
N HIS B 343 30.83 -10.03 -2.26
CA HIS B 343 31.12 -8.61 -2.39
C HIS B 343 30.92 -7.88 -1.06
N THR B 344 31.71 -6.85 -0.82
CA THR B 344 31.52 -5.95 0.32
C THR B 344 30.35 -5.02 0.04
N ALA B 345 29.90 -4.31 1.08
CA ALA B 345 28.88 -3.27 0.93
C ALA B 345 29.38 -2.15 0.01
N LEU B 346 30.66 -1.79 0.16
CA LEU B 346 31.31 -0.79 -0.70
C LEU B 346 31.28 -1.17 -2.20
N ASP B 347 31.59 -2.44 -2.50
CA ASP B 347 31.51 -2.97 -3.89
C ASP B 347 30.10 -2.82 -4.47
N LEU B 348 29.09 -3.15 -3.67
CA LEU B 348 27.69 -3.06 -4.11
C LEU B 348 27.25 -1.63 -4.37
N LEU B 349 27.73 -0.70 -3.54
CA LEU B 349 27.40 0.73 -3.68
C LEU B 349 28.27 1.50 -4.68
N SER B 350 29.30 0.85 -5.25
CA SER B 350 30.29 1.53 -6.13
C SER B 350 29.64 2.32 -7.29
N LYS B 351 28.87 1.65 -8.14
CA LYS B 351 28.14 2.31 -9.23
C LYS B 351 27.31 3.53 -8.76
N ALA B 352 26.59 3.36 -7.65
CA ALA B 352 25.73 4.42 -7.08
C ALA B 352 26.56 5.58 -6.51
N ILE B 353 27.58 5.25 -5.73
CA ILE B 353 28.48 6.26 -5.14
C ILE B 353 29.20 7.06 -6.24
N GLU B 354 29.71 6.36 -7.27
CA GLU B 354 30.48 7.00 -8.36
C GLU B 354 29.62 7.95 -9.21
N HIS B 355 28.37 7.57 -9.47
CA HIS B 355 27.42 8.45 -10.18
C HIS B 355 27.04 9.68 -9.37
N CYS B 356 26.76 9.48 -8.07
CA CYS B 356 26.40 10.59 -7.19
C CYS B 356 27.55 11.60 -7.05
N LYS B 357 28.77 11.10 -6.87
CA LYS B 357 29.96 11.95 -6.75
C LYS B 357 30.33 12.64 -8.07
N ARG B 358 30.12 11.98 -9.20
CA ARG B 358 30.38 12.57 -10.52
C ARG B 358 29.36 13.66 -10.89
N HIS B 359 28.09 13.46 -10.52
CA HIS B 359 27.03 14.46 -10.77
C HIS B 359 27.21 15.77 -9.97
N GLN B 360 27.73 15.65 -8.74
CA GLN B 360 27.95 16.80 -7.83
C GLN B 360 28.84 17.89 -8.46
#